data_1GMY
#
_entry.id   1GMY
#
_cell.length_a   103.900
_cell.length_b   103.900
_cell.length_c   125.600
_cell.angle_alpha   90.00
_cell.angle_beta   90.00
_cell.angle_gamma   120.00
#
_symmetry.space_group_name_H-M   'P 32 2 1'
#
loop_
_entity.id
_entity.type
_entity.pdbx_description
1 polymer 'CATHEPSIN B'
2 non-polymer '2-AMINOETHANIMIDIC ACID'
3 non-polymer 3-METHYLPHENYLALANINE
4 non-polymer 'DIPHENYLACETIC ACID'
5 water water
#
_entity_poly.entity_id   1
_entity_poly.type   'polypeptide(L)'
_entity_poly.pdbx_seq_one_letter_code
;KLPASFDAREQWPQCPTIKEIRDQGSCGSCWAFGAVEAISDRICIHTNAHVSVEVSAEDLLTCCGSMCGDGCNGGYPAEA
WNFWTRKGLVSGGLYESHVGCRPYSIPPCEHHVNGSRPPCTGEGDTPKCSKICEPGYSPTYKQDKHYGYNSYSVSNSEKD
IMAEIYKNGPVEGAFSVYSDFLLYKSGVYQHVTGEMMGGHAIRILGWGVENGTPYWLVANSWNTDWGDNGFFKILRGQDH
CGIESEVVAGIPRTDQYWEKI
;
_entity_poly.pdbx_strand_id   A,B,C
#
loop_
_chem_comp.id
_chem_comp.type
_chem_comp.name
_chem_comp.formula
AEM non-polymer '2-AMINOETHANIMIDIC ACID' 'C2 H6 N2'
APD non-polymer 3-METHYLPHENYLALANINE 'C10 H13 N O2'
DFA non-polymer 'DIPHENYLACETIC ACID' 'C14 H12 O2'
#
# COMPACT_ATOMS: atom_id res chain seq x y z
N LYS A 1 22.92 -12.12 18.90
CA LYS A 1 23.65 -12.34 17.62
C LYS A 1 22.78 -13.21 16.70
N LEU A 2 22.28 -12.60 15.64
CA LEU A 2 21.40 -13.31 14.70
C LEU A 2 22.08 -13.56 13.38
N PRO A 3 21.77 -14.68 12.70
CA PRO A 3 22.41 -14.94 11.41
C PRO A 3 21.87 -13.98 10.36
N ALA A 4 22.69 -13.71 9.35
CA ALA A 4 22.33 -12.80 8.27
C ALA A 4 21.18 -13.35 7.44
N SER A 5 21.06 -14.68 7.39
CA SER A 5 19.96 -15.28 6.68
C SER A 5 19.48 -16.44 7.52
N PHE A 6 18.20 -16.77 7.39
CA PHE A 6 17.66 -17.86 8.18
C PHE A 6 16.44 -18.44 7.46
N ASP A 7 16.29 -19.76 7.50
CA ASP A 7 15.16 -20.42 6.89
C ASP A 7 14.72 -21.49 7.90
N ALA A 8 13.54 -21.31 8.46
CA ALA A 8 13.05 -22.24 9.46
C ALA A 8 12.99 -23.66 8.88
N ARG A 9 12.86 -23.78 7.56
CA ARG A 9 12.75 -25.10 6.94
C ARG A 9 14.07 -25.84 7.08
N GLU A 10 15.18 -25.09 7.09
CA GLU A 10 16.50 -25.72 7.22
C GLU A 10 16.88 -25.85 8.69
N GLN A 11 16.36 -24.97 9.54
CA GLN A 11 16.73 -25.06 10.94
C GLN A 11 16.06 -26.23 11.65
N TRP A 12 14.85 -26.54 11.23
CA TRP A 12 14.06 -27.62 11.83
C TRP A 12 13.56 -28.52 10.69
N PRO A 13 14.48 -29.26 10.06
CA PRO A 13 14.18 -30.18 8.97
C PRO A 13 13.26 -31.35 9.31
N GLN A 14 13.09 -31.65 10.60
CA GLN A 14 12.20 -32.73 10.99
C GLN A 14 10.77 -32.22 11.21
N CYS A 15 10.51 -30.96 10.87
CA CYS A 15 9.19 -30.40 11.02
C CYS A 15 8.61 -30.13 9.63
N PRO A 16 7.91 -31.12 9.06
CA PRO A 16 7.32 -31.00 7.72
C PRO A 16 6.35 -29.86 7.50
N THR A 17 5.61 -29.46 8.54
CA THR A 17 4.66 -28.37 8.33
C THR A 17 5.34 -27.07 7.92
N ILE A 18 6.59 -26.88 8.34
CA ILE A 18 7.28 -25.63 8.03
C ILE A 18 7.41 -25.48 6.52
N LYS A 19 7.51 -26.61 5.82
CA LYS A 19 7.66 -26.58 4.38
C LYS A 19 6.33 -26.58 3.64
N GLU A 20 5.23 -26.83 4.36
CA GLU A 20 3.92 -26.94 3.72
CA GLU A 20 3.91 -26.93 3.74
C GLU A 20 3.16 -25.66 3.38
N ILE A 21 2.61 -25.62 2.18
CA ILE A 21 1.80 -24.50 1.75
C ILE A 21 0.36 -24.99 1.71
N ARG A 22 -0.57 -24.24 2.30
CA ARG A 22 -1.97 -24.63 2.31
C ARG A 22 -2.75 -23.76 1.32
N ASP A 23 -4.05 -24.01 1.21
CA ASP A 23 -4.92 -23.24 0.32
C ASP A 23 -6.13 -22.84 1.13
N GLN A 24 -6.30 -21.55 1.37
CA GLN A 24 -7.45 -21.08 2.15
C GLN A 24 -8.76 -21.16 1.35
N GLY A 25 -8.64 -21.46 0.06
CA GLY A 25 -9.82 -21.55 -0.78
C GLY A 25 -10.51 -20.21 -1.00
N SER A 26 -11.79 -20.25 -1.40
CA SER A 26 -12.56 -19.03 -1.65
C SER A 26 -13.19 -18.60 -0.33
N CYS A 27 -12.33 -18.18 0.58
CA CYS A 27 -12.73 -17.78 1.91
C CYS A 27 -11.62 -16.85 2.41
N GLY A 28 -11.97 -15.68 2.94
CA GLY A 28 -10.96 -14.77 3.41
C GLY A 28 -10.45 -15.20 4.79
N SER A 29 -9.97 -16.43 4.89
CA SER A 29 -9.50 -16.94 6.18
C SER A 29 -7.97 -16.87 6.36
N CYS A 30 -7.30 -16.00 5.62
CA CYS A 30 -5.84 -15.86 5.76
C CYS A 30 -5.45 -15.66 7.22
N TRP A 31 -6.27 -14.92 7.96
CA TRP A 31 -6.01 -14.62 9.37
C TRP A 31 -5.88 -15.90 10.20
N ALA A 32 -6.66 -16.92 9.84
CA ALA A 32 -6.62 -18.19 10.54
C ALA A 32 -5.49 -19.05 9.99
N PHE A 33 -5.28 -19.03 8.67
CA PHE A 33 -4.22 -19.83 8.09
C PHE A 33 -2.81 -19.45 8.56
N GLY A 34 -2.53 -18.15 8.60
CA GLY A 34 -1.20 -17.72 9.03
C GLY A 34 -0.99 -18.19 10.46
N ALA A 35 -2.04 -18.16 11.27
CA ALA A 35 -1.92 -18.59 12.65
C ALA A 35 -1.70 -20.10 12.79
N VAL A 36 -2.60 -20.90 12.21
CA VAL A 36 -2.46 -22.35 12.37
C VAL A 36 -1.20 -22.92 11.73
N GLU A 37 -0.71 -22.28 10.68
CA GLU A 37 0.49 -22.75 10.04
C GLU A 37 1.68 -22.53 10.99
N ALA A 38 1.78 -21.32 11.55
CA ALA A 38 2.85 -20.99 12.48
C ALA A 38 2.75 -21.85 13.73
N ILE A 39 1.52 -22.06 14.22
CA ILE A 39 1.31 -22.86 15.41
C ILE A 39 1.77 -24.32 15.17
N SER A 40 1.41 -24.86 14.02
CA SER A 40 1.81 -26.22 13.64
C SER A 40 3.33 -26.33 13.73
N ASP A 41 4.00 -25.37 13.10
CA ASP A 41 5.46 -25.35 13.08
C ASP A 41 6.01 -25.31 14.50
N ARG A 42 5.45 -24.40 15.30
CA ARG A 42 5.93 -24.24 16.68
C ARG A 42 5.71 -25.43 17.59
N ILE A 43 4.62 -26.15 17.39
CA ILE A 43 4.37 -27.33 18.23
C ILE A 43 5.47 -28.35 17.92
N CYS A 44 5.81 -28.48 16.65
CA CYS A 44 6.86 -29.41 16.27
C CYS A 44 8.22 -28.96 16.80
N ILE A 45 8.53 -27.68 16.61
CA ILE A 45 9.78 -27.13 17.12
C ILE A 45 9.86 -27.27 18.64
N HIS A 46 8.75 -26.97 19.29
CA HIS A 46 8.68 -27.01 20.73
C HIS A 46 8.95 -28.40 21.30
N THR A 47 8.52 -29.43 20.60
CA THR A 47 8.69 -30.80 21.09
C THR A 47 9.84 -31.55 20.41
N ASN A 48 10.73 -30.81 19.76
CA ASN A 48 11.86 -31.42 19.05
C ASN A 48 11.37 -32.45 18.04
N ALA A 49 10.26 -32.12 17.38
CA ALA A 49 9.63 -32.99 16.39
C ALA A 49 8.96 -34.24 16.95
N HIS A 50 8.92 -34.40 18.27
CA HIS A 50 8.23 -35.58 18.80
C HIS A 50 6.76 -35.51 18.50
N VAL A 51 6.25 -34.28 18.36
CA VAL A 51 4.85 -34.07 18.02
C VAL A 51 4.83 -33.19 16.77
N SER A 52 4.25 -33.70 15.69
CA SER A 52 4.16 -32.92 14.48
C SER A 52 2.79 -33.12 13.87
N VAL A 53 1.96 -32.10 14.00
CA VAL A 53 0.60 -32.16 13.47
C VAL A 53 0.23 -30.91 12.69
N GLU A 54 -0.73 -31.09 11.79
CA GLU A 54 -1.24 -29.99 11.02
C GLU A 54 -2.37 -29.49 11.89
N VAL A 55 -2.23 -28.29 12.40
CA VAL A 55 -3.27 -27.73 13.24
C VAL A 55 -4.38 -27.31 12.28
N SER A 56 -5.62 -27.54 12.69
CA SER A 56 -6.79 -27.26 11.87
C SER A 56 -7.17 -25.80 11.63
N ALA A 57 -7.12 -25.39 10.37
CA ALA A 57 -7.56 -24.06 10.01
C ALA A 57 -9.08 -24.04 10.24
N GLU A 58 -9.73 -25.16 9.94
CA GLU A 58 -11.19 -25.26 10.08
C GLU A 58 -11.62 -24.96 11.51
N ASP A 59 -10.94 -25.55 12.49
CA ASP A 59 -11.31 -25.37 13.88
C ASP A 59 -11.27 -23.89 14.26
N LEU A 60 -10.18 -23.23 13.90
CA LEU A 60 -10.02 -21.81 14.22
C LEU A 60 -11.05 -20.95 13.48
N LEU A 61 -11.10 -21.13 12.17
CA LEU A 61 -12.02 -20.38 11.31
C LEU A 61 -13.46 -20.49 11.77
N THR A 62 -13.87 -21.71 12.10
CA THR A 62 -15.26 -21.92 12.45
C THR A 62 -15.67 -21.77 13.88
N CYS A 63 -14.78 -22.08 14.82
CA CYS A 63 -15.15 -22.03 16.22
C CYS A 63 -14.76 -20.81 17.03
N CYS A 64 -13.90 -19.94 16.50
CA CYS A 64 -13.55 -18.78 17.30
C CYS A 64 -14.73 -17.80 17.39
N GLY A 65 -15.48 -17.65 16.31
CA GLY A 65 -16.63 -16.75 16.34
C GLY A 65 -16.28 -15.29 16.20
N SER A 66 -17.22 -14.42 16.58
CA SER A 66 -17.03 -12.99 16.47
C SER A 66 -15.78 -12.43 17.14
N MET A 67 -15.26 -13.12 18.16
CA MET A 67 -14.05 -12.63 18.81
C MET A 67 -12.92 -12.48 17.80
N CYS A 68 -12.85 -13.40 16.85
CA CYS A 68 -11.79 -13.36 15.85
C CYS A 68 -12.15 -12.53 14.65
N GLY A 69 -13.38 -12.04 14.61
CA GLY A 69 -13.79 -11.23 13.48
C GLY A 69 -14.97 -11.83 12.76
N ASP A 70 -14.87 -11.93 11.44
CA ASP A 70 -15.97 -12.44 10.64
C ASP A 70 -15.71 -13.65 9.76
N GLY A 71 -15.07 -14.69 10.31
CA GLY A 71 -14.83 -15.91 9.56
C GLY A 71 -14.28 -15.72 8.16
N CYS A 72 -14.97 -16.23 7.15
CA CYS A 72 -14.49 -16.06 5.78
C CYS A 72 -14.52 -14.62 5.28
N ASN A 73 -15.04 -13.69 6.09
CA ASN A 73 -15.04 -12.29 5.65
C ASN A 73 -13.88 -11.49 6.19
N GLY A 74 -13.02 -12.13 6.97
CA GLY A 74 -11.88 -11.41 7.50
C GLY A 74 -11.79 -11.58 9.00
N GLY A 75 -10.60 -11.40 9.54
CA GLY A 75 -10.44 -11.58 10.97
C GLY A 75 -9.15 -11.00 11.53
N TYR A 76 -9.00 -11.16 12.85
CA TYR A 76 -7.86 -10.62 13.57
C TYR A 76 -6.86 -11.67 14.02
N PRO A 77 -5.63 -11.60 13.48
CA PRO A 77 -4.56 -12.55 13.83
C PRO A 77 -4.39 -12.60 15.35
N ALA A 78 -4.41 -11.43 16.00
CA ALA A 78 -4.21 -11.41 17.46
C ALA A 78 -5.21 -12.32 18.19
N GLU A 79 -6.45 -12.32 17.74
CA GLU A 79 -7.47 -13.12 18.39
C GLU A 79 -7.35 -14.60 18.03
N ALA A 80 -6.76 -14.87 16.87
CA ALA A 80 -6.53 -16.23 16.45
C ALA A 80 -5.61 -16.88 17.49
N TRP A 81 -4.50 -16.22 17.83
CA TRP A 81 -3.57 -16.80 18.82
C TRP A 81 -4.17 -16.85 20.20
N ASN A 82 -5.02 -15.87 20.52
CA ASN A 82 -5.72 -15.86 21.81
C ASN A 82 -6.64 -17.08 21.90
N PHE A 83 -7.31 -17.42 20.80
CA PHE A 83 -8.21 -18.56 20.81
C PHE A 83 -7.39 -19.81 21.08
N TRP A 84 -6.23 -19.91 20.43
CA TRP A 84 -5.36 -21.06 20.65
C TRP A 84 -4.99 -21.18 22.14
N THR A 85 -4.71 -20.07 22.82
CA THR A 85 -4.34 -20.16 24.23
C THR A 85 -5.54 -20.43 25.12
N ARG A 86 -6.70 -19.93 24.72
CA ARG A 86 -7.92 -20.07 25.51
C ARG A 86 -8.72 -21.36 25.28
N LYS A 87 -8.93 -21.72 24.02
CA LYS A 87 -9.75 -22.86 23.68
C LYS A 87 -9.01 -24.01 23.02
N GLY A 88 -7.79 -23.72 22.57
CA GLY A 88 -6.99 -24.74 21.92
C GLY A 88 -7.45 -24.97 20.50
N LEU A 89 -6.66 -25.72 19.73
CA LEU A 89 -6.99 -26.03 18.35
C LEU A 89 -6.71 -27.49 18.09
N VAL A 90 -7.67 -28.17 17.49
CA VAL A 90 -7.45 -29.58 17.18
C VAL A 90 -6.66 -29.67 15.88
N SER A 91 -6.31 -30.90 15.48
CA SER A 91 -5.56 -31.10 14.24
C SER A 91 -6.54 -31.13 13.08
N GLY A 92 -6.00 -31.03 11.87
CA GLY A 92 -6.86 -31.06 10.69
C GLY A 92 -6.01 -30.70 9.51
N GLY A 93 -6.00 -31.59 8.52
CA GLY A 93 -5.22 -31.36 7.31
C GLY A 93 -5.93 -30.61 6.20
N LEU A 94 -5.43 -30.82 4.99
CA LEU A 94 -5.97 -30.18 3.80
C LEU A 94 -7.35 -30.73 3.40
N TYR A 95 -8.00 -30.03 2.48
CA TYR A 95 -9.32 -30.40 1.97
C TYR A 95 -9.28 -31.83 1.45
N GLU A 96 -10.24 -32.65 1.91
CA GLU A 96 -10.37 -34.05 1.53
C GLU A 96 -9.16 -34.93 1.82
N SER A 97 -8.31 -34.49 2.73
CA SER A 97 -7.14 -35.28 3.08
C SER A 97 -7.49 -36.39 4.04
N HIS A 98 -8.55 -36.17 4.81
CA HIS A 98 -8.94 -37.12 5.86
C HIS A 98 -7.80 -37.22 6.85
N VAL A 99 -7.07 -36.11 6.98
CA VAL A 99 -5.97 -36.04 7.92
C VAL A 99 -6.42 -35.22 9.11
N GLY A 100 -6.19 -35.76 10.30
CA GLY A 100 -6.54 -35.06 11.52
C GLY A 100 -8.00 -35.05 11.94
N CYS A 101 -8.23 -34.33 13.02
CA CYS A 101 -9.55 -34.21 13.59
C CYS A 101 -10.52 -33.44 12.71
N ARG A 102 -10.12 -32.24 12.29
CA ARG A 102 -10.98 -31.43 11.45
C ARG A 102 -10.30 -30.85 10.22
N PRO A 103 -10.18 -31.66 9.16
CA PRO A 103 -9.55 -31.17 7.91
C PRO A 103 -10.39 -30.02 7.34
N TYR A 104 -9.74 -29.17 6.53
CA TYR A 104 -10.37 -27.99 5.96
C TYR A 104 -11.54 -28.41 5.06
N SER A 105 -12.66 -27.69 5.18
CA SER A 105 -13.86 -28.07 4.44
C SER A 105 -14.10 -27.28 3.17
N ILE A 106 -13.22 -26.31 2.91
CA ILE A 106 -13.37 -25.46 1.75
C ILE A 106 -12.41 -25.88 0.68
N PRO A 107 -12.92 -26.12 -0.52
CA PRO A 107 -12.05 -26.57 -1.61
C PRO A 107 -10.96 -25.61 -2.11
N PRO A 108 -9.83 -26.19 -2.54
CA PRO A 108 -8.71 -25.39 -3.06
C PRO A 108 -9.13 -24.76 -4.39
N CYS A 109 -8.45 -23.68 -4.79
CA CYS A 109 -8.85 -23.04 -6.02
C CYS A 109 -7.67 -22.29 -6.58
N GLU A 110 -7.83 -21.77 -7.80
CA GLU A 110 -6.74 -21.03 -8.43
C GLU A 110 -6.80 -19.59 -7.99
N HIS A 111 -5.75 -19.16 -7.30
CA HIS A 111 -5.63 -17.79 -6.79
C HIS A 111 -4.79 -16.92 -7.76
N HIS A 112 -5.43 -16.17 -8.64
CA HIS A 112 -4.74 -15.28 -9.57
C HIS A 112 -3.79 -15.99 -10.55
N VAL A 113 -4.06 -17.25 -10.84
CA VAL A 113 -3.26 -18.04 -11.76
C VAL A 113 -4.16 -19.05 -12.45
N ASN A 114 -3.70 -19.58 -13.58
CA ASN A 114 -4.50 -20.56 -14.32
C ASN A 114 -4.02 -21.90 -13.77
N GLY A 115 -4.92 -22.88 -13.74
CA GLY A 115 -4.54 -24.19 -13.23
C GLY A 115 -5.65 -25.19 -13.42
N SER A 116 -5.47 -26.40 -12.91
CA SER A 116 -6.47 -27.46 -13.04
C SER A 116 -7.66 -27.32 -12.09
N ARG A 117 -7.51 -26.50 -11.06
CA ARG A 117 -8.59 -26.32 -10.09
C ARG A 117 -9.51 -25.19 -10.53
N PRO A 118 -10.71 -25.11 -9.93
CA PRO A 118 -11.63 -24.02 -10.30
C PRO A 118 -11.01 -22.71 -9.84
N PRO A 119 -11.31 -21.62 -10.53
CA PRO A 119 -10.75 -20.32 -10.11
C PRO A 119 -11.43 -19.93 -8.81
N CYS A 120 -10.71 -19.24 -7.93
CA CYS A 120 -11.31 -18.84 -6.68
C CYS A 120 -12.38 -17.80 -6.91
N THR A 121 -13.41 -17.84 -6.07
CA THR A 121 -14.52 -16.91 -6.15
C THR A 121 -14.51 -16.03 -4.90
N GLY A 122 -15.50 -15.15 -4.77
CA GLY A 122 -15.55 -14.27 -3.62
C GLY A 122 -15.80 -15.00 -2.31
N GLU A 123 -15.22 -14.48 -1.23
CA GLU A 123 -15.35 -15.06 0.10
C GLU A 123 -16.74 -15.67 0.30
N GLY A 124 -16.78 -16.97 0.55
CA GLY A 124 -18.06 -17.63 0.74
C GLY A 124 -18.59 -17.51 2.15
N ASP A 125 -19.38 -18.50 2.54
CA ASP A 125 -19.96 -18.55 3.88
C ASP A 125 -18.95 -19.21 4.79
N THR A 126 -19.00 -18.89 6.06
CA THR A 126 -18.10 -19.51 7.01
C THR A 126 -18.72 -20.82 7.46
N PRO A 127 -17.95 -21.93 7.38
CA PRO A 127 -18.54 -23.19 7.81
C PRO A 127 -18.94 -23.15 9.30
N LYS A 128 -19.81 -24.07 9.69
CA LYS A 128 -20.27 -24.13 11.07
C LYS A 128 -19.18 -24.67 11.98
N CYS A 129 -19.28 -24.32 13.26
CA CYS A 129 -18.34 -24.82 14.24
C CYS A 129 -18.83 -26.19 14.67
N SER A 130 -18.19 -27.23 14.18
CA SER A 130 -18.59 -28.58 14.56
C SER A 130 -17.50 -29.16 15.46
N LYS A 131 -17.83 -29.24 16.76
CA LYS A 131 -16.87 -29.72 17.77
C LYS A 131 -16.76 -31.24 17.88
N ILE A 132 -16.43 -31.88 16.77
CA ILE A 132 -16.29 -33.32 16.75
C ILE A 132 -15.31 -33.65 15.63
N CYS A 133 -14.52 -34.71 15.80
CA CYS A 133 -13.57 -35.09 14.77
C CYS A 133 -14.21 -35.90 13.65
N GLU A 134 -13.52 -35.97 12.53
CA GLU A 134 -13.99 -36.74 11.40
C GLU A 134 -13.89 -38.22 11.80
N PRO A 135 -14.75 -39.06 11.20
CA PRO A 135 -14.77 -40.50 11.48
C PRO A 135 -13.41 -41.15 11.28
N GLY A 136 -13.05 -42.05 12.19
CA GLY A 136 -11.79 -42.76 12.07
C GLY A 136 -10.64 -42.08 12.74
N TYR A 137 -10.79 -40.80 13.06
CA TYR A 137 -9.69 -40.10 13.70
C TYR A 137 -9.74 -40.29 15.21
N SER A 138 -8.55 -40.37 15.81
CA SER A 138 -8.46 -40.52 17.25
C SER A 138 -7.33 -39.61 17.73
N PRO A 139 -7.45 -39.02 18.94
CA PRO A 139 -8.53 -39.11 19.93
C PRO A 139 -9.76 -38.24 19.65
N THR A 140 -10.57 -38.01 20.68
CA THR A 140 -11.77 -37.15 20.55
C THR A 140 -11.38 -35.69 20.33
N TYR A 141 -12.34 -34.92 19.86
CA TYR A 141 -12.12 -33.50 19.61
C TYR A 141 -11.52 -32.81 20.85
N LYS A 142 -12.17 -32.98 21.99
CA LYS A 142 -11.68 -32.36 23.22
C LYS A 142 -10.23 -32.81 23.54
N GLN A 143 -9.97 -34.10 23.42
CA GLN A 143 -8.63 -34.63 23.71
C GLN A 143 -7.57 -34.23 22.68
N ASP A 144 -8.00 -33.88 21.47
CA ASP A 144 -7.06 -33.51 20.40
C ASP A 144 -6.68 -32.03 20.42
N LYS A 145 -7.27 -31.26 21.32
CA LYS A 145 -6.96 -29.84 21.40
C LYS A 145 -5.49 -29.61 21.80
N HIS A 146 -4.83 -28.72 21.07
CA HIS A 146 -3.46 -28.34 21.33
C HIS A 146 -3.58 -26.88 21.78
N TYR A 147 -3.09 -26.58 22.96
CA TYR A 147 -3.21 -25.22 23.49
C TYR A 147 -1.95 -24.40 23.46
N GLY A 148 -2.15 -23.10 23.35
CA GLY A 148 -1.02 -22.19 23.39
C GLY A 148 -0.72 -21.91 24.85
N TYR A 149 0.56 -21.77 25.16
CA TYR A 149 0.96 -21.42 26.52
C TYR A 149 0.70 -19.91 26.68
N ASN A 150 1.03 -19.15 25.64
CA ASN A 150 0.79 -17.72 25.67
C ASN A 150 0.76 -17.21 24.24
N SER A 151 0.43 -15.94 24.07
CA SER A 151 0.47 -15.34 22.73
C SER A 151 0.83 -13.88 22.96
N TYR A 152 1.49 -13.28 21.97
CA TYR A 152 1.91 -11.90 22.10
C TYR A 152 2.17 -11.30 20.74
N SER A 153 2.16 -9.98 20.70
CA SER A 153 2.50 -9.33 19.46
C SER A 153 4.03 -9.12 19.54
N VAL A 154 4.67 -8.94 18.40
CA VAL A 154 6.11 -8.70 18.36
C VAL A 154 6.19 -7.24 17.96
N SER A 155 7.15 -6.50 18.51
CA SER A 155 7.25 -5.09 18.16
C SER A 155 7.61 -4.87 16.69
N ASN A 156 7.32 -3.67 16.19
CA ASN A 156 7.60 -3.29 14.82
C ASN A 156 9.12 -3.05 14.73
N SER A 157 9.88 -4.13 14.73
CA SER A 157 11.33 -4.04 14.72
C SER A 157 11.84 -5.27 14.00
N GLU A 158 12.58 -5.08 12.92
CA GLU A 158 13.05 -6.26 12.22
C GLU A 158 13.91 -7.16 13.10
N LYS A 159 14.73 -6.58 13.97
CA LYS A 159 15.57 -7.40 14.84
C LYS A 159 14.73 -8.19 15.82
N ASP A 160 13.68 -7.58 16.34
CA ASP A 160 12.83 -8.27 17.28
C ASP A 160 12.15 -9.44 16.58
N ILE A 161 11.67 -9.20 15.37
CA ILE A 161 10.97 -10.23 14.60
C ILE A 161 11.96 -11.34 14.20
N MET A 162 13.16 -10.96 13.79
CA MET A 162 14.14 -11.98 13.42
C MET A 162 14.48 -12.82 14.64
N ALA A 163 14.64 -12.18 15.80
CA ALA A 163 14.99 -12.90 17.02
C ALA A 163 13.85 -13.85 17.40
N GLU A 164 12.61 -13.39 17.23
CA GLU A 164 11.45 -14.22 17.56
C GLU A 164 11.38 -15.48 16.69
N ILE A 165 11.61 -15.32 15.40
CA ILE A 165 11.59 -16.46 14.49
C ILE A 165 12.77 -17.38 14.79
N TYR A 166 13.94 -16.79 14.95
CA TYR A 166 15.15 -17.56 15.25
C TYR A 166 14.98 -18.48 16.46
N LYS A 167 14.51 -17.91 17.57
CA LYS A 167 14.34 -18.66 18.81
C LYS A 167 13.14 -19.57 18.91
N ASN A 168 11.99 -19.06 18.50
CA ASN A 168 10.72 -19.75 18.68
C ASN A 168 9.99 -20.29 17.46
N GLY A 169 10.51 -20.01 16.27
CA GLY A 169 9.85 -20.54 15.09
C GLY A 169 9.08 -19.51 14.30
N PRO A 170 8.51 -19.94 13.17
CA PRO A 170 7.73 -19.03 12.32
C PRO A 170 6.64 -18.30 13.10
N VAL A 171 6.32 -17.09 12.63
CA VAL A 171 5.30 -16.25 13.24
C VAL A 171 4.24 -15.90 12.21
N GLU A 172 3.14 -15.34 12.69
CA GLU A 172 2.12 -14.89 11.76
C GLU A 172 2.36 -13.40 11.59
N GLY A 173 2.11 -12.90 10.39
CA GLY A 173 2.26 -11.48 10.15
C GLY A 173 1.14 -11.07 9.19
N ALA A 174 1.11 -9.81 8.79
CA ALA A 174 0.09 -9.33 7.87
C ALA A 174 0.62 -8.09 7.16
N PHE A 175 0.15 -7.86 5.94
CA PHE A 175 0.62 -6.72 5.18
C PHE A 175 -0.46 -6.29 4.21
N SER A 176 -0.27 -5.12 3.63
CA SER A 176 -1.23 -4.59 2.64
C SER A 176 -0.97 -5.21 1.27
N VAL A 177 -1.95 -5.91 0.72
CA VAL A 177 -1.79 -6.51 -0.60
C VAL A 177 -2.23 -5.50 -1.65
N TYR A 178 -1.32 -5.14 -2.55
CA TYR A 178 -1.61 -4.22 -3.66
C TYR A 178 -1.67 -5.09 -4.91
N SER A 179 -2.28 -4.58 -5.95
CA SER A 179 -2.41 -5.37 -7.15
C SER A 179 -1.09 -5.80 -7.77
N ASP A 180 -0.02 -5.06 -7.52
CA ASP A 180 1.27 -5.44 -8.11
C ASP A 180 1.91 -6.63 -7.39
N PHE A 181 1.23 -7.15 -6.38
CA PHE A 181 1.72 -8.32 -5.65
C PHE A 181 1.06 -9.60 -6.20
N LEU A 182 -0.13 -9.46 -6.78
CA LEU A 182 -0.90 -10.64 -7.23
C LEU A 182 -0.20 -11.61 -8.16
N LEU A 183 0.58 -11.10 -9.10
CA LEU A 183 1.27 -11.97 -10.04
C LEU A 183 2.72 -12.29 -9.66
N TYR A 184 3.04 -12.12 -8.39
CA TYR A 184 4.38 -12.44 -7.91
C TYR A 184 4.83 -13.83 -8.37
N LYS A 185 6.10 -13.92 -8.76
CA LYS A 185 6.66 -15.20 -9.19
C LYS A 185 7.95 -15.53 -8.46
N SER A 186 8.83 -14.55 -8.32
CA SER A 186 10.10 -14.79 -7.64
C SER A 186 10.76 -13.46 -7.29
N GLY A 187 11.90 -13.53 -6.63
CA GLY A 187 12.61 -12.32 -6.27
C GLY A 187 12.05 -11.68 -5.02
N VAL A 188 12.54 -10.50 -4.67
CA VAL A 188 12.08 -9.81 -3.48
C VAL A 188 11.02 -8.80 -3.90
N TYR A 189 9.78 -9.03 -3.46
CA TYR A 189 8.69 -8.14 -3.80
C TYR A 189 8.86 -6.79 -3.16
N GLN A 190 8.70 -5.74 -3.98
CA GLN A 190 8.74 -4.36 -3.50
C GLN A 190 7.60 -3.66 -4.21
N HIS A 191 6.66 -3.18 -3.42
CA HIS A 191 5.48 -2.47 -3.89
C HIS A 191 5.85 -1.20 -4.65
N VAL A 192 5.32 -1.06 -5.85
CA VAL A 192 5.59 0.14 -6.62
C VAL A 192 4.29 0.79 -7.11
N THR A 193 3.27 -0.02 -7.36
CA THR A 193 2.04 0.54 -7.90
C THR A 193 0.89 -0.39 -7.60
N GLY A 194 -0.31 0.04 -7.92
CA GLY A 194 -1.46 -0.83 -7.73
C GLY A 194 -2.52 -0.38 -6.77
N GLU A 195 -3.66 -1.05 -6.88
CA GLU A 195 -4.82 -0.80 -6.04
C GLU A 195 -4.60 -1.56 -4.73
N MET A 196 -4.97 -0.95 -3.60
CA MET A 196 -4.84 -1.59 -2.29
C MET A 196 -5.97 -2.61 -2.22
N MET A 197 -5.63 -3.90 -2.31
CA MET A 197 -6.64 -4.94 -2.33
C MET A 197 -7.19 -5.37 -0.97
N GLY A 198 -6.48 -5.04 0.12
CA GLY A 198 -6.92 -5.41 1.45
C GLY A 198 -5.76 -5.97 2.26
N GLY A 199 -5.93 -6.07 3.59
CA GLY A 199 -4.88 -6.61 4.42
C GLY A 199 -4.90 -8.13 4.25
N HIS A 200 -3.72 -8.74 4.34
CA HIS A 200 -3.61 -10.18 4.16
C HIS A 200 -2.67 -10.74 5.22
N ALA A 201 -3.09 -11.78 5.93
CA ALA A 201 -2.26 -12.38 6.98
C ALA A 201 -1.54 -13.59 6.38
N ILE A 202 -0.28 -13.77 6.79
CA ILE A 202 0.60 -14.82 6.27
C ILE A 202 1.52 -15.38 7.37
N ARG A 203 2.42 -16.29 6.98
CA ARG A 203 3.40 -16.89 7.91
C ARG A 203 4.81 -16.47 7.49
N ILE A 204 5.56 -15.85 8.40
CA ILE A 204 6.91 -15.42 8.08
C ILE A 204 7.81 -16.52 8.69
N LEU A 205 8.68 -17.10 7.87
CA LEU A 205 9.51 -18.19 8.36
C LEU A 205 11.01 -18.03 8.18
N GLY A 206 11.44 -16.83 7.81
CA GLY A 206 12.87 -16.64 7.66
C GLY A 206 13.19 -15.31 7.04
N TRP A 207 14.46 -15.11 6.71
CA TRP A 207 14.91 -13.87 6.09
C TRP A 207 16.21 -14.08 5.37
N GLY A 208 16.61 -13.08 4.59
CA GLY A 208 17.84 -13.17 3.84
C GLY A 208 18.12 -11.87 3.13
N VAL A 209 19.07 -11.91 2.20
CA VAL A 209 19.42 -10.74 1.41
C VAL A 209 19.69 -11.30 0.04
N GLU A 210 18.90 -10.85 -0.93
CA GLU A 210 19.06 -11.33 -2.30
C GLU A 210 19.59 -10.16 -3.12
N ASN A 211 20.86 -10.29 -3.52
CA ASN A 211 21.51 -9.26 -4.32
C ASN A 211 21.40 -7.89 -3.67
N GLY A 212 21.76 -7.84 -2.39
CA GLY A 212 21.75 -6.59 -1.66
C GLY A 212 20.41 -6.20 -1.07
N THR A 213 19.34 -6.85 -1.51
CA THR A 213 18.00 -6.52 -1.00
C THR A 213 17.58 -7.40 0.18
N PRO A 214 17.45 -6.81 1.37
CA PRO A 214 17.03 -7.60 2.54
C PRO A 214 15.57 -8.01 2.40
N TYR A 215 15.25 -9.25 2.77
CA TYR A 215 13.87 -9.74 2.64
C TYR A 215 13.43 -10.68 3.75
N TRP A 216 12.10 -10.90 3.80
CA TRP A 216 11.45 -11.84 4.71
C TRP A 216 10.99 -12.97 3.79
N LEU A 217 11.13 -14.21 4.26
CA LEU A 217 10.70 -15.40 3.52
C LEU A 217 9.32 -15.66 4.07
N VAL A 218 8.32 -15.66 3.18
CA VAL A 218 6.94 -15.78 3.64
C VAL A 218 6.18 -16.87 2.92
N ALA A 219 5.31 -17.54 3.65
CA ALA A 219 4.47 -18.58 3.07
C ALA A 219 3.08 -17.95 2.90
N ASN A 220 2.55 -18.01 1.66
CA ASN A 220 1.20 -17.50 1.42
C ASN A 220 0.29 -18.73 1.57
N SER A 221 -1.02 -18.52 1.53
CA SER A 221 -1.97 -19.60 1.70
C SER A 221 -2.80 -19.73 0.42
N TRP A 222 -2.13 -19.57 -0.72
CA TRP A 222 -2.80 -19.63 -2.02
C TRP A 222 -2.37 -20.82 -2.86
N ASN A 223 -2.07 -21.93 -2.20
CA ASN A 223 -1.64 -23.15 -2.86
C ASN A 223 -0.23 -23.01 -3.44
N THR A 224 0.28 -24.11 -3.97
CA THR A 224 1.65 -24.15 -4.47
C THR A 224 1.86 -23.62 -5.87
N ASP A 225 0.79 -23.39 -6.63
CA ASP A 225 0.99 -22.90 -7.98
C ASP A 225 0.94 -21.38 -8.05
N TRP A 226 0.81 -20.72 -6.90
CA TRP A 226 0.83 -19.26 -6.87
C TRP A 226 2.21 -18.87 -6.35
N GLY A 227 2.75 -17.77 -6.87
CA GLY A 227 4.06 -17.31 -6.43
C GLY A 227 5.22 -18.26 -6.69
N ASP A 228 6.12 -18.35 -5.71
CA ASP A 228 7.30 -19.20 -5.81
C ASP A 228 7.00 -20.47 -5.00
N ASN A 229 6.27 -21.38 -5.64
CA ASN A 229 5.84 -22.62 -5.01
C ASN A 229 5.02 -22.37 -3.76
N GLY A 230 4.34 -21.22 -3.77
CA GLY A 230 3.48 -20.88 -2.67
C GLY A 230 4.05 -19.87 -1.71
N PHE A 231 5.35 -19.67 -1.80
CA PHE A 231 6.06 -18.72 -0.94
C PHE A 231 6.37 -17.45 -1.71
N PHE A 232 6.85 -16.45 -0.98
CA PHE A 232 7.29 -15.22 -1.60
C PHE A 232 8.29 -14.56 -0.66
N LYS A 233 9.05 -13.61 -1.20
CA LYS A 233 10.00 -12.83 -0.41
C LYS A 233 9.51 -11.41 -0.50
N ILE A 234 9.58 -10.66 0.59
CA ILE A 234 9.14 -9.28 0.57
C ILE A 234 10.17 -8.43 1.28
N LEU A 235 10.34 -7.20 0.80
CA LEU A 235 11.32 -6.27 1.37
C LEU A 235 11.28 -6.22 2.89
N ARG A 236 12.45 -6.37 3.51
CA ARG A 236 12.60 -6.36 4.97
C ARG A 236 13.31 -5.12 5.49
N GLY A 237 12.90 -4.64 6.68
CA GLY A 237 13.58 -3.51 7.28
C GLY A 237 12.96 -2.15 7.15
N GLN A 238 11.92 -2.02 6.34
CA GLN A 238 11.26 -0.71 6.19
C GLN A 238 9.76 -0.82 6.40
N ASP A 239 9.36 -1.81 7.19
CA ASP A 239 7.94 -2.09 7.49
C ASP A 239 7.18 -1.95 6.17
N HIS A 240 7.73 -2.58 5.14
CA HIS A 240 7.13 -2.51 3.80
C HIS A 240 5.73 -3.07 3.76
N CYS A 241 4.77 -2.27 3.32
CA CYS A 241 3.38 -2.72 3.27
C CYS A 241 2.88 -3.14 4.66
N GLY A 242 3.59 -2.69 5.70
CA GLY A 242 3.20 -3.02 7.08
C GLY A 242 3.60 -4.42 7.54
N ILE A 243 4.48 -5.06 6.77
CA ILE A 243 4.95 -6.42 7.06
C ILE A 243 5.57 -6.62 8.46
N GLU A 244 6.05 -5.55 9.08
CA GLU A 244 6.66 -5.69 10.40
C GLU A 244 5.77 -5.13 11.50
N SER A 245 4.55 -4.72 11.13
CA SER A 245 3.65 -4.08 12.07
C SER A 245 2.51 -4.92 12.66
N GLU A 246 2.31 -6.13 12.15
CA GLU A 246 1.23 -7.00 12.62
C GLU A 246 1.71 -8.41 12.97
N VAL A 247 2.91 -8.50 13.51
CA VAL A 247 3.47 -9.80 13.85
C VAL A 247 2.97 -10.28 15.20
N VAL A 248 2.50 -11.53 15.22
CA VAL A 248 2.00 -12.11 16.44
C VAL A 248 2.46 -13.57 16.49
N ALA A 249 2.67 -14.06 17.69
CA ALA A 249 3.10 -15.44 17.86
C ALA A 249 2.74 -15.88 19.27
N GLY A 250 3.34 -16.99 19.69
CA GLY A 250 3.03 -17.53 21.01
C GLY A 250 3.78 -18.83 21.16
N ILE A 251 3.96 -19.28 22.40
CA ILE A 251 4.69 -20.50 22.73
C ILE A 251 3.67 -21.60 22.98
N PRO A 252 3.91 -22.81 22.45
CA PRO A 252 2.94 -23.89 22.68
C PRO A 252 2.94 -24.43 24.11
N ARG A 253 1.77 -24.88 24.53
CA ARG A 253 1.62 -25.52 25.83
C ARG A 253 1.73 -27.01 25.49
N THR A 254 2.73 -27.63 26.10
CA THR A 254 3.01 -29.05 25.91
C THR A 254 1.75 -29.91 25.85
N LYS B 1 -3.83 -0.71 40.49
CA LYS B 1 -5.28 -0.70 40.87
C LYS B 1 -5.95 0.54 40.26
N LEU B 2 -6.38 0.39 39.01
CA LEU B 2 -6.98 1.48 38.26
C LEU B 2 -8.41 1.82 38.65
N PRO B 3 -8.81 3.07 38.43
CA PRO B 3 -10.18 3.47 38.79
C PRO B 3 -11.18 2.80 37.85
N ALA B 4 -12.42 2.69 38.30
CA ALA B 4 -13.46 2.07 37.50
C ALA B 4 -13.76 2.94 36.26
N SER B 5 -13.53 4.24 36.38
CA SER B 5 -13.78 5.17 35.27
C SER B 5 -12.59 6.10 35.18
N PHE B 6 -12.26 6.53 33.97
CA PHE B 6 -11.14 7.45 33.79
C PHE B 6 -11.39 8.29 32.56
N ASP B 7 -11.18 9.60 32.66
CA ASP B 7 -11.41 10.49 31.53
C ASP B 7 -10.24 11.43 31.45
N ALA B 8 -9.45 11.30 30.37
CA ALA B 8 -8.27 12.14 30.21
C ALA B 8 -8.59 13.63 30.25
N ARG B 9 -9.79 14.00 29.81
CA ARG B 9 -10.18 15.42 29.82
C ARG B 9 -10.23 15.96 31.26
N GLU B 10 -10.67 15.13 32.19
CA GLU B 10 -10.77 15.51 33.61
CA GLU B 10 -10.78 15.49 33.62
C GLU B 10 -9.42 15.42 34.29
N GLN B 11 -8.62 14.44 33.88
CA GLN B 11 -7.30 14.23 34.48
C GLN B 11 -6.29 15.30 34.10
N TRP B 12 -6.35 15.77 32.86
CA TRP B 12 -5.40 16.76 32.40
C TRP B 12 -6.11 17.98 31.82
N PRO B 13 -6.88 18.67 32.67
CA PRO B 13 -7.62 19.85 32.23
C PRO B 13 -6.70 20.92 31.67
N GLN B 14 -5.44 20.90 32.07
CA GLN B 14 -4.48 21.88 31.58
C GLN B 14 -4.08 21.65 30.12
N CYS B 15 -4.50 20.53 29.55
CA CYS B 15 -4.19 20.17 28.17
C CYS B 15 -5.46 20.23 27.31
N PRO B 16 -5.77 21.41 26.77
CA PRO B 16 -6.97 21.59 25.94
C PRO B 16 -7.12 20.69 24.73
N THR B 17 -6.02 20.18 24.17
CA THR B 17 -6.19 19.35 23.01
C THR B 17 -6.93 18.07 23.34
N ILE B 18 -6.90 17.65 24.60
CA ILE B 18 -7.56 16.42 24.97
C ILE B 18 -9.07 16.47 24.75
N LYS B 19 -9.68 17.64 24.91
CA LYS B 19 -11.12 17.81 24.73
C LYS B 19 -11.49 18.10 23.28
N GLU B 20 -10.50 18.47 22.48
CA GLU B 20 -10.74 18.85 21.09
C GLU B 20 -11.07 17.73 20.13
N ILE B 21 -12.11 17.97 19.33
CA ILE B 21 -12.50 17.02 18.30
C ILE B 21 -12.11 17.69 16.98
N ARG B 22 -11.41 16.95 16.13
CA ARG B 22 -11.02 17.49 14.84
C ARG B 22 -11.88 16.95 13.70
N ASP B 23 -11.60 17.41 12.48
CA ASP B 23 -12.35 16.94 11.31
C ASP B 23 -11.35 16.61 10.23
N GLN B 24 -11.27 15.34 9.89
CA GLN B 24 -10.34 14.89 8.86
C GLN B 24 -10.80 15.27 7.46
N GLY B 25 -12.02 15.79 7.37
CA GLY B 25 -12.56 16.18 6.08
C GLY B 25 -12.77 14.99 5.15
N SER B 26 -12.79 15.27 3.85
CA SER B 26 -12.99 14.25 2.83
C SER B 26 -11.62 13.70 2.45
N CYS B 27 -11.08 12.93 3.37
CA CYS B 27 -9.75 12.37 3.22
C CYS B 27 -9.69 11.22 4.20
N GLY B 28 -9.15 10.09 3.77
CA GLY B 28 -9.05 8.93 4.64
C GLY B 28 -7.83 9.02 5.53
N SER B 29 -7.70 10.16 6.22
CA SER B 29 -6.55 10.43 7.09
C SER B 29 -6.73 10.08 8.57
N CYS B 30 -7.75 9.29 8.92
CA CYS B 30 -7.96 8.91 10.32
C CYS B 30 -6.65 8.37 10.98
N TRP B 31 -5.84 7.62 10.23
CA TRP B 31 -4.59 7.08 10.80
C TRP B 31 -3.68 8.21 11.33
N ALA B 32 -3.66 9.33 10.60
CA ALA B 32 -2.84 10.48 10.97
C ALA B 32 -3.54 11.23 12.09
N PHE B 33 -4.85 11.39 12.01
CA PHE B 33 -5.54 12.12 13.06
C PHE B 33 -5.47 11.50 14.45
N GLY B 34 -5.72 10.19 14.54
CA GLY B 34 -5.66 9.52 15.82
C GLY B 34 -4.29 9.76 16.43
N ALA B 35 -3.25 9.73 15.59
CA ALA B 35 -1.88 9.95 16.08
C ALA B 35 -1.59 11.38 16.53
N VAL B 36 -1.76 12.37 15.65
CA VAL B 36 -1.45 13.75 16.07
C VAL B 36 -2.28 14.23 17.23
N GLU B 37 -3.50 13.73 17.36
CA GLU B 37 -4.33 14.14 18.48
C GLU B 37 -3.72 13.59 19.77
N ALA B 38 -3.41 12.29 19.81
CA ALA B 38 -2.82 11.71 21.03
C ALA B 38 -1.43 12.29 21.31
N ILE B 39 -0.69 12.60 20.25
CA ILE B 39 0.64 13.17 20.42
C ILE B 39 0.48 14.57 21.00
N SER B 40 -0.52 15.31 20.53
CA SER B 40 -0.76 16.64 21.08
C SER B 40 -0.99 16.50 22.58
N ASP B 41 -1.90 15.61 22.95
CA ASP B 41 -2.22 15.41 24.36
C ASP B 41 -0.96 15.05 25.14
N ARG B 42 -0.20 14.11 24.61
CA ARG B 42 0.98 13.63 25.31
C ARG B 42 2.06 14.65 25.50
N ILE B 43 2.26 15.51 24.49
CA ILE B 43 3.27 16.54 24.61
C ILE B 43 2.94 17.38 25.84
N CYS B 44 1.66 17.70 26.00
CA CYS B 44 1.25 18.51 27.14
C CYS B 44 1.31 17.73 28.47
N ILE B 45 0.87 16.49 28.44
CA ILE B 45 0.87 15.66 29.63
C ILE B 45 2.29 15.39 30.14
N HIS B 46 3.21 15.18 29.21
CA HIS B 46 4.60 14.87 29.51
C HIS B 46 5.65 15.96 29.62
N THR B 47 5.30 17.22 29.40
CA THR B 47 6.30 18.28 29.51
C THR B 47 6.19 18.99 30.83
N ASN B 48 7.32 19.45 31.34
CA ASN B 48 7.28 20.16 32.60
C ASN B 48 6.46 21.45 32.48
N ALA B 49 6.59 22.15 31.35
CA ALA B 49 5.84 23.39 31.14
C ALA B 49 4.46 23.10 30.54
N HIS B 50 3.99 21.86 30.70
CA HIS B 50 2.71 21.40 30.14
C HIS B 50 2.42 22.14 28.84
N VAL B 51 3.44 22.19 28.00
CA VAL B 51 3.40 22.84 26.71
C VAL B 51 2.19 22.32 25.96
N SER B 52 1.44 23.24 25.37
CA SER B 52 0.27 22.81 24.63
C SER B 52 0.42 23.24 23.18
N VAL B 53 0.42 22.26 22.28
CA VAL B 53 0.51 22.53 20.86
C VAL B 53 -0.42 21.60 20.10
N GLU B 54 -1.03 22.13 19.06
CA GLU B 54 -1.91 21.32 18.24
C GLU B 54 -0.94 20.81 17.21
N VAL B 55 -0.67 19.51 17.28
CA VAL B 55 0.28 18.91 16.36
C VAL B 55 -0.40 18.79 15.01
N SER B 56 0.34 19.15 13.98
CA SER B 56 -0.17 19.17 12.62
C SER B 56 -0.54 17.88 11.90
N ALA B 57 -1.84 17.67 11.68
CA ALA B 57 -2.28 16.50 10.92
C ALA B 57 -1.74 16.65 9.50
N GLU B 58 -1.69 17.87 9.00
CA GLU B 58 -1.20 18.12 7.65
C GLU B 58 0.23 17.63 7.47
N ASP B 59 1.09 17.98 8.43
CA ASP B 59 2.49 17.60 8.35
C ASP B 59 2.65 16.09 8.25
N LEU B 60 1.93 15.36 9.10
CA LEU B 60 2.03 13.91 9.07
C LEU B 60 1.42 13.32 7.81
N LEU B 61 0.19 13.74 7.53
CA LEU B 61 -0.52 13.22 6.35
C LEU B 61 0.24 13.44 5.04
N THR B 62 0.87 14.60 4.93
CA THR B 62 1.55 14.94 3.67
C THR B 62 3.01 14.63 3.59
N CYS B 63 3.73 14.70 4.70
CA CYS B 63 5.17 14.46 4.64
C CYS B 63 5.69 13.09 5.01
N CYS B 64 4.86 12.22 5.57
CA CYS B 64 5.38 10.91 5.89
C CYS B 64 5.68 10.11 4.61
N GLY B 65 4.77 10.15 3.64
CA GLY B 65 5.02 9.41 2.40
C GLY B 65 4.56 7.97 2.46
N SER B 66 5.12 7.15 1.57
CA SER B 66 4.74 5.75 1.48
C SER B 66 4.99 4.97 2.76
N MET B 67 5.91 5.44 3.59
CA MET B 67 6.21 4.75 4.84
C MET B 67 4.91 4.63 5.66
N CYS B 68 4.08 5.66 5.64
CA CYS B 68 2.84 5.61 6.40
C CYS B 68 1.65 5.08 5.66
N GLY B 69 1.82 4.67 4.40
CA GLY B 69 0.67 4.17 3.66
C GLY B 69 0.38 5.04 2.44
N ASP B 70 -0.90 5.34 2.21
CA ASP B 70 -1.32 6.10 1.04
C ASP B 70 -2.04 7.42 1.31
N GLY B 71 -1.53 8.23 2.22
CA GLY B 71 -2.16 9.52 2.50
C GLY B 71 -3.66 9.51 2.73
N CYS B 72 -4.42 10.22 1.87
CA CYS B 72 -5.88 10.28 2.01
C CYS B 72 -6.59 8.99 1.65
N ASN B 73 -5.81 7.99 1.22
CA ASN B 73 -6.40 6.71 0.91
C ASN B 73 -6.17 5.69 2.01
N GLY B 74 -5.69 6.13 3.17
CA GLY B 74 -5.47 5.19 4.27
C GLY B 74 -4.01 5.03 4.62
N GLY B 75 -3.74 4.63 5.86
CA GLY B 75 -2.36 4.51 6.28
C GLY B 75 -2.18 3.70 7.55
N TYR B 76 -0.96 3.69 8.05
CA TYR B 76 -0.64 2.89 9.23
C TYR B 76 -0.36 3.67 10.49
N PRO B 77 -1.22 3.52 11.52
CA PRO B 77 -0.98 4.24 12.78
C PRO B 77 0.44 3.99 13.31
N ALA B 78 0.91 2.74 13.23
CA ALA B 78 2.24 2.42 13.74
C ALA B 78 3.33 3.28 13.09
N GLU B 79 3.20 3.51 11.78
CA GLU B 79 4.22 4.31 11.15
C GLU B 79 4.01 5.80 11.38
N ALA B 80 2.79 6.19 11.79
CA ALA B 80 2.55 7.60 12.06
C ALA B 80 3.39 7.96 13.29
N TRP B 81 3.36 7.11 14.31
CA TRP B 81 4.13 7.42 15.48
C TRP B 81 5.62 7.31 15.21
N ASN B 82 6.00 6.39 14.32
CA ASN B 82 7.41 6.26 14.00
C ASN B 82 7.88 7.54 13.29
N PHE B 83 7.01 8.12 12.46
CA PHE B 83 7.38 9.33 11.75
C PHE B 83 7.68 10.40 12.78
N TRP B 84 6.81 10.49 13.78
CA TRP B 84 6.99 11.46 14.85
C TRP B 84 8.35 11.28 15.54
N THR B 85 8.79 10.04 15.72
CA THR B 85 10.08 9.80 16.38
C THR B 85 11.25 10.06 15.44
N ARG B 86 11.07 9.74 14.16
CA ARG B 86 12.15 9.90 13.18
C ARG B 86 12.30 11.31 12.60
N LYS B 87 11.18 11.90 12.19
CA LYS B 87 11.21 13.21 11.54
C LYS B 87 10.57 14.33 12.33
N GLY B 88 9.79 13.97 13.34
CA GLY B 88 9.11 14.96 14.15
C GLY B 88 7.89 15.51 13.43
N LEU B 89 7.10 16.29 14.15
CA LEU B 89 5.90 16.89 13.56
C LEU B 89 5.80 18.33 14.03
N VAL B 90 5.44 19.24 13.13
CA VAL B 90 5.28 20.63 13.50
C VAL B 90 3.86 20.83 14.00
N SER B 91 3.57 22.03 14.48
CA SER B 91 2.25 22.35 14.97
C SER B 91 1.36 22.71 13.79
N GLY B 92 0.05 22.68 14.01
CA GLY B 92 -0.88 23.03 12.94
C GLY B 92 -2.30 22.85 13.43
N GLY B 93 -3.09 23.92 13.37
CA GLY B 93 -4.45 23.85 13.82
C GLY B 93 -5.46 23.38 12.79
N LEU B 94 -6.73 23.64 13.08
CA LEU B 94 -7.84 23.29 12.20
C LEU B 94 -7.84 24.04 10.86
N TYR B 95 -8.68 23.56 9.96
CA TYR B 95 -8.83 24.20 8.66
C TYR B 95 -9.14 25.68 8.86
N GLU B 96 -8.40 26.50 8.14
CA GLU B 96 -8.46 27.97 8.13
C GLU B 96 -8.35 28.65 9.48
N SER B 97 -7.76 27.95 10.45
CA SER B 97 -7.58 28.50 11.79
C SER B 97 -6.38 29.46 11.83
N HIS B 98 -5.45 29.27 10.90
CA HIS B 98 -4.22 30.06 10.84
C HIS B 98 -3.46 29.87 12.15
N VAL B 99 -3.66 28.72 12.76
CA VAL B 99 -3.00 28.37 14.01
C VAL B 99 -1.85 27.42 13.71
N GLY B 100 -0.66 27.72 14.25
CA GLY B 100 0.47 26.85 14.04
C GLY B 100 1.19 26.96 12.72
N CYS B 101 2.18 26.08 12.54
CA CYS B 101 3.02 26.07 11.35
C CYS B 101 2.29 25.58 10.11
N ARG B 102 1.58 24.46 10.24
CA ARG B 102 0.86 23.91 9.11
C ARG B 102 -0.54 23.43 9.46
N PRO B 103 -1.51 24.35 9.46
CA PRO B 103 -2.89 23.99 9.78
C PRO B 103 -3.40 23.07 8.67
N TYR B 104 -4.46 22.31 8.98
CA TYR B 104 -5.03 21.36 8.05
C TYR B 104 -5.57 22.08 6.82
N SER B 105 -5.29 21.55 5.64
CA SER B 105 -5.73 22.20 4.41
C SER B 105 -7.00 21.62 3.81
N ILE B 106 -7.55 20.59 4.45
CA ILE B 106 -8.77 19.97 3.92
C ILE B 106 -9.97 20.47 4.72
N PRO B 107 -10.97 21.04 4.02
CA PRO B 107 -12.15 21.57 4.70
C PRO B 107 -13.01 20.61 5.47
N PRO B 108 -13.60 21.08 6.59
CA PRO B 108 -14.48 20.21 7.38
C PRO B 108 -15.73 19.93 6.56
N CYS B 109 -16.43 18.86 6.89
CA CYS B 109 -17.63 18.49 6.15
C CYS B 109 -18.55 17.69 7.06
N GLU B 110 -19.73 17.34 6.55
CA GLU B 110 -20.69 16.58 7.34
C GLU B 110 -20.45 15.09 7.12
N HIS B 111 -20.13 14.39 8.21
CA HIS B 111 -19.85 12.96 8.19
C HIS B 111 -21.08 12.16 8.65
N HIS B 112 -21.87 11.66 7.70
CA HIS B 112 -23.04 10.84 8.05
C HIS B 112 -24.11 11.51 8.93
N VAL B 113 -24.20 12.83 8.84
CA VAL B 113 -25.20 13.57 9.60
C VAL B 113 -25.54 14.81 8.78
N ASN B 114 -26.62 15.49 9.13
CA ASN B 114 -26.99 16.72 8.44
C ASN B 114 -26.41 17.85 9.26
N GLY B 115 -26.02 18.94 8.61
CA GLY B 115 -25.45 20.07 9.30
C GLY B 115 -25.26 21.28 8.38
N SER B 116 -24.59 22.31 8.86
CA SER B 116 -24.37 23.52 8.08
C SER B 116 -23.22 23.47 7.07
N ARG B 117 -22.45 22.39 7.10
CA ARG B 117 -21.33 22.25 6.17
C ARG B 117 -21.76 21.35 5.02
N PRO B 118 -20.94 21.30 3.95
CA PRO B 118 -21.25 20.47 2.79
C PRO B 118 -21.05 19.02 3.19
N PRO B 119 -21.73 18.09 2.53
CA PRO B 119 -21.51 16.69 2.91
C PRO B 119 -20.07 16.37 2.53
N CYS B 120 -19.48 15.39 3.20
CA CYS B 120 -18.12 15.01 2.86
C CYS B 120 -18.21 14.35 1.49
N THR B 121 -17.14 14.44 0.72
CA THR B 121 -17.13 13.82 -0.60
C THR B 121 -16.20 12.60 -0.50
N GLY B 122 -15.74 12.08 -1.63
CA GLY B 122 -14.86 10.91 -1.56
C GLY B 122 -13.51 11.23 -0.95
N GLU B 123 -12.72 10.20 -0.64
CA GLU B 123 -11.37 10.46 -0.11
C GLU B 123 -10.76 11.24 -1.26
N GLY B 124 -10.30 12.45 -0.98
CA GLY B 124 -9.74 13.27 -2.04
C GLY B 124 -8.27 13.05 -2.31
N ASP B 125 -7.65 14.07 -2.90
CA ASP B 125 -6.23 14.05 -3.21
C ASP B 125 -5.46 14.33 -1.92
N THR B 126 -4.31 13.70 -1.76
CA THR B 126 -3.49 13.94 -0.58
C THR B 126 -2.71 15.23 -0.87
N PRO B 127 -2.79 16.23 0.03
CA PRO B 127 -2.06 17.47 -0.22
C PRO B 127 -0.57 17.20 -0.29
N LYS B 128 0.17 18.19 -0.78
CA LYS B 128 1.61 18.10 -0.92
C LYS B 128 2.29 18.34 0.43
N CYS B 129 3.53 17.87 0.53
CA CYS B 129 4.36 18.05 1.71
C CYS B 129 5.10 19.39 1.52
N SER B 130 4.70 20.40 2.28
CA SER B 130 5.35 21.70 2.20
C SER B 130 6.06 21.91 3.51
N LYS B 131 7.38 22.02 3.46
CA LYS B 131 8.14 22.20 4.68
C LYS B 131 8.43 23.66 5.02
N ILE B 132 7.36 24.46 5.06
CA ILE B 132 7.47 25.88 5.38
C ILE B 132 6.26 26.23 6.25
N CYS B 133 6.45 27.06 7.26
CA CYS B 133 5.31 27.41 8.08
C CYS B 133 4.42 28.48 7.45
N GLU B 134 3.19 28.50 7.94
CA GLU B 134 2.15 29.46 7.59
C GLU B 134 2.78 30.85 7.68
N PRO B 135 2.54 31.73 6.69
CA PRO B 135 3.13 33.07 6.80
C PRO B 135 2.79 33.72 8.13
N GLY B 136 3.76 34.39 8.74
CA GLY B 136 3.51 35.04 10.01
C GLY B 136 3.76 34.17 11.23
N TYR B 137 3.92 32.86 11.03
CA TYR B 137 4.18 31.97 12.16
C TYR B 137 5.67 31.88 12.43
N SER B 138 6.03 31.78 13.71
CA SER B 138 7.41 31.63 14.14
C SER B 138 7.33 30.54 15.19
N PRO B 139 8.35 29.67 15.29
CA PRO B 139 9.59 29.63 14.51
C PRO B 139 9.49 29.02 13.11
N THR B 140 10.64 28.65 12.57
CA THR B 140 10.72 28.02 11.27
C THR B 140 10.18 26.59 11.38
N TYR B 141 9.90 26.00 10.22
CA TYR B 141 9.40 24.63 10.16
C TYR B 141 10.34 23.70 10.96
N LYS B 142 11.63 23.77 10.66
CA LYS B 142 12.61 22.94 11.33
C LYS B 142 12.60 23.14 12.84
N GLN B 143 12.52 24.39 13.27
CA GLN B 143 12.51 24.70 14.69
C GLN B 143 11.21 24.32 15.36
N ASP B 144 10.14 24.18 14.57
CA ASP B 144 8.84 23.87 15.15
C ASP B 144 8.54 22.38 15.27
N LYS B 145 9.47 21.53 14.83
CA LYS B 145 9.29 20.07 14.89
C LYS B 145 9.30 19.56 16.31
N HIS B 146 8.34 18.70 16.63
CA HIS B 146 8.27 18.09 17.95
C HIS B 146 8.52 16.62 17.69
N TYR B 147 9.51 16.06 18.38
CA TYR B 147 9.88 14.67 18.19
C TYR B 147 9.41 13.71 19.26
N GLY B 148 9.18 12.48 18.83
CA GLY B 148 8.81 11.46 19.80
C GLY B 148 10.12 10.79 20.22
N TYR B 149 10.20 10.36 21.48
CA TYR B 149 11.40 9.68 21.95
C TYR B 149 11.30 8.22 21.46
N ASN B 150 10.10 7.66 21.51
CA ASN B 150 9.91 6.28 21.04
C ASN B 150 8.44 6.07 20.73
N SER B 151 8.13 4.92 20.14
CA SER B 151 6.74 4.60 19.83
C SER B 151 6.63 3.10 20.02
N TYR B 152 5.43 2.63 20.32
CA TYR B 152 5.23 1.23 20.56
C TYR B 152 3.77 0.86 20.47
N SER B 153 3.51 -0.43 20.31
CA SER B 153 2.14 -0.90 20.27
C SER B 153 1.86 -1.33 21.70
N VAL B 154 0.59 -1.35 22.09
CA VAL B 154 0.23 -1.80 23.44
C VAL B 154 -0.34 -3.20 23.22
N SER B 155 -0.06 -4.14 24.12
CA SER B 155 -0.58 -5.47 23.89
C SER B 155 -2.12 -5.46 23.87
N ASN B 156 -2.68 -6.51 23.28
CA ASN B 156 -4.13 -6.70 23.16
C ASN B 156 -4.61 -7.09 24.56
N SER B 157 -4.57 -6.13 25.47
CA SER B 157 -4.94 -6.34 26.87
C SER B 157 -5.72 -5.15 27.40
N GLU B 158 -6.96 -5.38 27.77
CA GLU B 158 -7.78 -4.30 28.33
C GLU B 158 -7.00 -3.61 29.47
N LYS B 159 -6.46 -4.42 30.39
CA LYS B 159 -5.73 -3.85 31.51
C LYS B 159 -4.50 -3.07 31.09
N ASP B 160 -3.74 -3.58 30.13
CA ASP B 160 -2.54 -2.86 29.73
C ASP B 160 -2.89 -1.55 29.05
N ILE B 161 -3.99 -1.54 28.31
CA ILE B 161 -4.40 -0.34 27.62
C ILE B 161 -4.88 0.70 28.62
N MET B 162 -5.67 0.28 29.60
CA MET B 162 -6.14 1.18 30.63
C MET B 162 -4.91 1.73 31.35
N ALA B 163 -3.96 0.86 31.66
CA ALA B 163 -2.76 1.31 32.37
C ALA B 163 -1.96 2.32 31.56
N GLU B 164 -1.83 2.07 30.25
CA GLU B 164 -1.07 2.98 29.41
C GLU B 164 -1.77 4.34 29.33
N ILE B 165 -3.08 4.35 29.21
CA ILE B 165 -3.78 5.64 29.13
C ILE B 165 -3.64 6.40 30.48
N TYR B 166 -3.79 5.65 31.56
CA TYR B 166 -3.71 6.22 32.90
C TYR B 166 -2.32 6.82 33.17
N LYS B 167 -1.30 6.08 32.81
CA LYS B 167 0.06 6.54 33.04
C LYS B 167 0.62 7.55 32.06
N ASN B 168 0.31 7.37 30.78
CA ASN B 168 0.92 8.21 29.75
C ASN B 168 0.00 9.07 28.89
N GLY B 169 -1.31 8.92 29.05
CA GLY B 169 -2.24 9.74 28.30
C GLY B 169 -2.93 9.00 27.15
N PRO B 170 -3.82 9.69 26.44
CA PRO B 170 -4.56 9.12 25.30
C PRO B 170 -3.63 8.36 24.35
N VAL B 171 -4.18 7.34 23.71
CA VAL B 171 -3.43 6.51 22.76
C VAL B 171 -4.20 6.50 21.45
N GLU B 172 -3.57 6.02 20.39
CA GLU B 172 -4.31 5.89 19.14
C GLU B 172 -4.76 4.42 19.10
N GLY B 173 -5.91 4.16 18.49
CA GLY B 173 -6.39 2.79 18.37
C GLY B 173 -7.07 2.71 17.03
N ALA B 174 -7.56 1.52 16.68
CA ALA B 174 -8.27 1.33 15.42
C ALA B 174 -9.22 0.17 15.58
N PHE B 175 -10.31 0.22 14.82
CA PHE B 175 -11.31 -0.82 14.88
C PHE B 175 -12.02 -0.94 13.54
N SER B 176 -12.76 -2.04 13.40
CA SER B 176 -13.52 -2.31 12.21
C SER B 176 -14.82 -1.54 12.27
N VAL B 177 -15.05 -0.72 11.25
CA VAL B 177 -16.27 0.05 11.21
C VAL B 177 -17.30 -0.70 10.38
N TYR B 178 -18.46 -0.97 11.00
CA TYR B 178 -19.59 -1.61 10.30
C TYR B 178 -20.63 -0.52 10.11
N SER B 179 -21.52 -0.69 9.14
CA SER B 179 -22.49 0.35 8.88
C SER B 179 -23.33 0.79 10.09
N ASP B 180 -23.58 -0.09 11.05
CA ASP B 180 -24.39 0.35 12.19
C ASP B 180 -23.68 1.34 13.10
N PHE B 181 -22.38 1.47 12.94
CA PHE B 181 -21.60 2.41 13.75
C PHE B 181 -21.82 3.86 13.31
N LEU B 182 -22.02 4.04 12.01
CA LEU B 182 -22.18 5.38 11.43
C LEU B 182 -23.25 6.27 12.03
N LEU B 183 -24.34 5.67 12.47
CA LEU B 183 -25.46 6.41 13.04
C LEU B 183 -25.35 6.59 14.55
N TYR B 184 -24.19 6.23 15.10
CA TYR B 184 -23.99 6.36 16.55
C TYR B 184 -24.36 7.75 17.06
N LYS B 185 -25.08 7.79 18.18
CA LYS B 185 -25.47 9.05 18.80
C LYS B 185 -25.01 9.11 20.26
N SER B 186 -25.26 8.03 21.01
CA SER B 186 -24.86 7.97 22.41
C SER B 186 -24.90 6.53 22.91
N GLY B 187 -24.58 6.36 24.18
CA GLY B 187 -24.58 5.04 24.76
C GLY B 187 -23.31 4.30 24.39
N VAL B 188 -23.28 3.00 24.65
CA VAL B 188 -22.11 2.19 24.34
C VAL B 188 -22.34 1.42 23.06
N TYR B 189 -21.53 1.72 22.04
CA TYR B 189 -21.67 1.05 20.77
C TYR B 189 -21.25 -0.41 20.87
N GLN B 190 -22.06 -1.27 20.26
CA GLN B 190 -21.80 -2.70 20.18
C GLN B 190 -22.33 -3.07 18.80
N HIS B 191 -21.46 -3.58 17.96
CA HIS B 191 -21.85 -3.96 16.62
C HIS B 191 -22.88 -5.08 16.61
N VAL B 192 -23.98 -4.87 15.91
CA VAL B 192 -25.02 -5.90 15.81
C VAL B 192 -25.48 -6.13 14.36
N THR B 193 -25.38 -5.11 13.51
CA THR B 193 -25.77 -5.26 12.11
C THR B 193 -24.91 -4.40 11.20
N GLY B 194 -25.12 -4.54 9.90
CA GLY B 194 -24.38 -3.75 8.94
C GLY B 194 -23.20 -4.46 8.30
N GLU B 195 -22.73 -3.86 7.22
CA GLU B 195 -21.60 -4.36 6.45
C GLU B 195 -20.32 -3.77 7.01
N MET B 196 -19.21 -4.48 6.77
CA MET B 196 -17.88 -4.05 7.21
C MET B 196 -17.53 -2.94 6.23
N MET B 197 -17.25 -1.74 6.75
CA MET B 197 -16.92 -0.59 5.89
C MET B 197 -15.43 -0.34 5.78
N GLY B 198 -14.63 -0.98 6.65
CA GLY B 198 -13.20 -0.77 6.60
C GLY B 198 -12.67 -0.43 7.99
N GLY B 199 -11.34 -0.39 8.13
CA GLY B 199 -10.73 -0.09 9.41
C GLY B 199 -10.68 1.42 9.65
N HIS B 200 -10.85 1.81 10.91
CA HIS B 200 -10.86 3.24 11.22
C HIS B 200 -9.99 3.49 12.45
N ALA B 201 -9.14 4.51 12.38
CA ALA B 201 -8.23 4.84 13.45
C ALA B 201 -8.81 6.00 14.25
N ILE B 202 -8.68 5.92 15.56
CA ILE B 202 -9.25 6.92 16.44
C ILE B 202 -8.34 7.17 17.66
N ARG B 203 -8.79 7.99 18.59
CA ARG B 203 -8.03 8.26 19.81
C ARG B 203 -8.82 7.76 21.03
N ILE B 204 -8.19 6.93 21.85
CA ILE B 204 -8.87 6.42 23.05
C ILE B 204 -8.34 7.23 24.21
N LEU B 205 -9.24 7.81 24.99
CA LEU B 205 -8.85 8.69 26.08
C LEU B 205 -9.43 8.42 27.46
N GLY B 206 -10.04 7.26 27.62
CA GLY B 206 -10.61 6.91 28.92
C GLY B 206 -11.50 5.70 28.84
N TRP B 207 -12.18 5.42 29.94
CA TRP B 207 -13.07 4.28 30.02
C TRP B 207 -14.04 4.48 31.16
N GLY B 208 -15.04 3.61 31.21
CA GLY B 208 -16.03 3.71 32.25
C GLY B 208 -17.02 2.58 32.10
N VAL B 209 -18.15 2.72 32.76
CA VAL B 209 -19.20 1.73 32.71
C VAL B 209 -20.49 2.51 32.57
N GLU B 210 -21.34 2.09 31.66
CA GLU B 210 -22.60 2.79 31.47
C GLU B 210 -23.69 1.73 31.46
N ASN B 211 -24.56 1.79 32.47
CA ASN B 211 -25.66 0.85 32.60
C ASN B 211 -25.13 -0.55 32.65
N GLY B 212 -24.03 -0.74 33.39
CA GLY B 212 -23.44 -2.05 33.51
C GLY B 212 -22.61 -2.51 32.31
N THR B 213 -22.43 -1.65 31.33
CA THR B 213 -21.62 -2.04 30.16
C THR B 213 -20.28 -1.33 30.20
N PRO B 214 -19.18 -2.09 30.29
CA PRO B 214 -17.86 -1.43 30.31
C PRO B 214 -17.56 -0.86 28.93
N TYR B 215 -16.94 0.32 28.88
CA TYR B 215 -16.66 0.92 27.58
C TYR B 215 -15.37 1.71 27.53
N TRP B 216 -14.97 2.06 26.31
CA TRP B 216 -13.81 2.90 26.05
C TRP B 216 -14.39 4.25 25.61
N LEU B 217 -13.76 5.34 26.07
CA LEU B 217 -14.16 6.69 25.69
C LEU B 217 -13.23 7.01 24.52
N VAL B 218 -13.84 7.26 23.37
CA VAL B 218 -13.08 7.49 22.15
C VAL B 218 -13.47 8.76 21.43
N ALA B 219 -12.47 9.42 20.85
CA ALA B 219 -12.70 10.63 20.07
C ALA B 219 -12.62 10.27 18.59
N ASN B 220 -13.64 10.63 17.83
CA ASN B 220 -13.62 10.37 16.40
C ASN B 220 -13.08 11.66 15.76
N SER B 221 -12.80 11.64 14.46
CA SER B 221 -12.28 12.83 13.79
C SER B 221 -13.27 13.23 12.70
N TRP B 222 -14.55 13.16 13.05
CA TRP B 222 -15.63 13.51 12.11
C TRP B 222 -16.39 14.73 12.58
N ASN B 223 -15.67 15.67 13.16
CA ASN B 223 -16.23 16.92 13.68
C ASN B 223 -17.13 16.67 14.88
N THR B 224 -17.63 17.76 15.46
CA THR B 224 -18.43 17.65 16.67
C THR B 224 -19.89 17.34 16.52
N ASP B 225 -20.42 17.43 15.30
CA ASP B 225 -21.84 17.17 15.14
C ASP B 225 -22.11 15.72 14.79
N TRP B 226 -21.05 14.91 14.80
CA TRP B 226 -21.22 13.48 14.58
C TRP B 226 -21.15 12.83 15.97
N GLY B 227 -21.98 11.82 16.18
CA GLY B 227 -21.97 11.10 17.44
C GLY B 227 -22.27 11.92 18.66
N ASP B 228 -21.53 11.65 19.74
CA ASP B 228 -21.73 12.36 21.00
C ASP B 228 -20.76 13.50 21.09
N ASN B 229 -21.09 14.61 20.44
CA ASN B 229 -20.22 15.77 20.41
C ASN B 229 -18.86 15.42 19.79
N GLY B 230 -18.86 14.44 18.89
CA GLY B 230 -17.62 14.05 18.25
C GLY B 230 -16.98 12.80 18.84
N PHE B 231 -17.43 12.43 20.05
CA PHE B 231 -16.93 11.26 20.76
C PHE B 231 -17.92 10.11 20.68
N PHE B 232 -17.48 8.93 21.11
CA PHE B 232 -18.37 7.78 21.20
C PHE B 232 -17.84 6.82 22.26
N LYS B 233 -18.67 5.89 22.67
CA LYS B 233 -18.21 4.89 23.63
C LYS B 233 -18.33 3.58 22.91
N ILE B 234 -17.41 2.66 23.16
CA ILE B 234 -17.48 1.38 22.51
C ILE B 234 -17.19 0.32 23.56
N LEU B 235 -17.82 -0.83 23.42
CA LEU B 235 -17.64 -1.94 24.33
C LEU B 235 -16.17 -2.19 24.61
N ARG B 236 -15.86 -2.36 25.89
CA ARG B 236 -14.50 -2.60 26.33
C ARG B 236 -14.42 -3.98 26.95
N GLY B 237 -13.27 -4.62 26.78
CA GLY B 237 -13.05 -5.91 27.39
C GLY B 237 -13.16 -7.13 26.53
N GLN B 238 -13.71 -6.98 25.32
CA GLN B 238 -13.87 -8.13 24.43
C GLN B 238 -13.20 -7.90 23.08
N ASP B 239 -12.22 -7.02 23.04
CA ASP B 239 -11.52 -6.66 21.79
C ASP B 239 -12.60 -6.47 20.74
N HIS B 240 -13.65 -5.75 21.12
CA HIS B 240 -14.79 -5.54 20.23
C HIS B 240 -14.41 -4.79 18.95
N CYS B 241 -14.69 -5.42 17.80
CA CYS B 241 -14.35 -4.85 16.51
C CYS B 241 -12.84 -4.60 16.42
N GLY B 242 -12.07 -5.28 17.26
CA GLY B 242 -10.63 -5.13 17.25
C GLY B 242 -10.10 -3.89 17.96
N ILE B 243 -10.97 -3.21 18.69
CA ILE B 243 -10.63 -1.97 19.41
C ILE B 243 -9.43 -2.06 20.39
N GLU B 244 -9.10 -3.26 20.86
CA GLU B 244 -7.98 -3.42 21.77
C GLU B 244 -6.76 -4.03 21.11
N SER B 245 -6.83 -4.25 19.80
CA SER B 245 -5.74 -4.91 19.08
C SER B 245 -4.85 -4.05 18.18
N GLU B 246 -5.14 -2.76 18.05
CA GLU B 246 -4.34 -1.91 17.20
C GLU B 246 -3.93 -0.65 17.94
N VAL B 247 -3.77 -0.78 19.25
CA VAL B 247 -3.38 0.38 20.04
C VAL B 247 -1.90 0.66 19.91
N VAL B 248 -1.58 1.93 19.72
CA VAL B 248 -0.19 2.35 19.56
C VAL B 248 -0.02 3.71 20.21
N ALA B 249 1.17 3.98 20.71
CA ALA B 249 1.41 5.26 21.35
C ALA B 249 2.91 5.48 21.39
N GLY B 250 3.35 6.42 22.23
CA GLY B 250 4.77 6.73 22.29
C GLY B 250 4.98 7.83 23.31
N ILE B 251 6.24 8.05 23.66
CA ILE B 251 6.60 9.07 24.65
C ILE B 251 7.28 10.24 23.94
N PRO B 252 6.90 11.48 24.28
CA PRO B 252 7.53 12.65 23.62
C PRO B 252 8.99 12.75 24.03
N ARG B 253 9.83 13.30 23.16
CA ARG B 253 11.26 13.44 23.46
C ARG B 253 11.46 14.49 24.55
N LYS C 1 10.46 35.66 -27.85
CA LYS C 1 11.32 34.54 -28.34
C LYS C 1 11.25 33.30 -27.43
N LEU C 2 11.57 32.13 -27.98
CA LEU C 2 11.54 30.89 -27.19
C LEU C 2 12.53 30.97 -26.03
N PRO C 3 12.16 30.44 -24.86
CA PRO C 3 13.09 30.51 -23.73
C PRO C 3 14.32 29.66 -23.98
N ALA C 4 15.41 30.02 -23.32
CA ALA C 4 16.67 29.31 -23.42
C ALA C 4 16.53 27.89 -22.86
N SER C 5 15.65 27.73 -21.88
CA SER C 5 15.40 26.45 -21.26
C SER C 5 13.90 26.29 -21.14
N PHE C 6 13.42 25.04 -21.15
CA PHE C 6 12.00 24.76 -21.04
C PHE C 6 11.80 23.36 -20.51
N ASP C 7 10.89 23.22 -19.57
CA ASP C 7 10.60 21.91 -19.00
C ASP C 7 9.08 21.82 -18.91
N ALA C 8 8.47 20.93 -19.68
CA ALA C 8 7.00 20.80 -19.64
C ALA C 8 6.49 20.50 -18.23
N ARG C 9 7.32 19.86 -17.42
CA ARG C 9 6.88 19.53 -16.07
C ARG C 9 6.71 20.83 -15.29
N GLU C 10 7.54 21.83 -15.60
CA GLU C 10 7.44 23.13 -14.93
CA GLU C 10 7.43 23.12 -14.92
C GLU C 10 6.35 24.00 -15.53
N GLN C 11 6.20 23.97 -16.87
CA GLN C 11 5.17 24.79 -17.51
C GLN C 11 3.76 24.30 -17.17
N TRP C 12 3.61 22.99 -17.00
CA TRP C 12 2.29 22.42 -16.65
C TRP C 12 2.46 21.56 -15.41
N PRO C 13 2.66 22.19 -14.25
CA PRO C 13 2.85 21.46 -13.00
C PRO C 13 1.69 20.62 -12.53
N GLN C 14 0.47 20.93 -13.00
CA GLN C 14 -0.69 20.18 -12.59
C GLN C 14 -1.00 19.01 -13.49
N CYS C 15 -0.10 18.72 -14.43
CA CYS C 15 -0.27 17.58 -15.33
C CYS C 15 0.76 16.54 -14.88
N PRO C 16 0.33 15.61 -14.00
CA PRO C 16 1.20 14.55 -13.47
C PRO C 16 1.84 13.61 -14.46
N THR C 17 1.19 13.33 -15.59
CA THR C 17 1.78 12.40 -16.54
C THR C 17 3.08 12.91 -17.13
N ILE C 18 3.23 14.23 -17.19
CA ILE C 18 4.48 14.78 -17.75
C ILE C 18 5.70 14.34 -16.90
N LYS C 19 5.47 14.11 -15.62
CA LYS C 19 6.56 13.71 -14.72
C LYS C 19 6.80 12.22 -14.69
N GLU C 20 5.84 11.44 -15.22
CA GLU C 20 5.91 9.98 -15.16
C GLU C 20 6.81 9.29 -16.13
N ILE C 21 7.48 8.23 -15.65
CA ILE C 21 8.36 7.41 -16.45
C ILE C 21 7.74 6.03 -16.42
N ARG C 22 7.59 5.42 -17.59
CA ARG C 22 7.00 4.10 -17.65
C ARG C 22 8.06 3.06 -17.97
N ASP C 23 7.63 1.82 -18.08
CA ASP C 23 8.52 0.70 -18.37
C ASP C 23 7.89 -0.18 -19.46
N GLN C 24 8.50 -0.20 -20.63
CA GLN C 24 7.98 -0.99 -21.74
C GLN C 24 8.25 -2.48 -21.53
N GLY C 25 8.99 -2.83 -20.50
CA GLY C 25 9.30 -4.23 -20.25
C GLY C 25 10.09 -4.88 -21.37
N SER C 26 9.96 -6.21 -21.48
CA SER C 26 10.67 -7.02 -22.49
C SER C 26 9.83 -7.08 -23.74
N CYS C 27 9.74 -5.94 -24.42
CA CYS C 27 8.93 -5.80 -25.62
C CYS C 27 9.46 -4.54 -26.30
N GLY C 28 9.62 -4.58 -27.62
CA GLY C 28 10.09 -3.40 -28.32
C GLY C 28 8.93 -2.45 -28.63
N SER C 29 8.22 -2.03 -27.59
CA SER C 29 7.07 -1.15 -27.75
C SER C 29 7.34 0.33 -27.52
N CYS C 30 8.61 0.72 -27.57
CA CYS C 30 8.97 2.11 -27.38
C CYS C 30 8.15 3.04 -28.29
N TRP C 31 7.83 2.58 -29.51
CA TRP C 31 7.08 3.40 -30.45
C TRP C 31 5.71 3.76 -29.90
N ALA C 32 5.13 2.82 -29.16
CA ALA C 32 3.82 3.04 -28.56
C ALA C 32 3.98 3.87 -27.27
N PHE C 33 5.03 3.61 -26.49
CA PHE C 33 5.18 4.38 -25.26
C PHE C 33 5.40 5.85 -25.51
N GLY C 34 6.31 6.18 -26.42
CA GLY C 34 6.56 7.58 -26.69
C GLY C 34 5.28 8.30 -27.09
N ALA C 35 4.47 7.62 -27.88
CA ALA C 35 3.20 8.19 -28.32
C ALA C 35 2.22 8.38 -27.16
N VAL C 36 1.90 7.32 -26.42
CA VAL C 36 0.90 7.48 -25.37
C VAL C 36 1.32 8.39 -24.23
N GLU C 37 2.62 8.48 -23.95
CA GLU C 37 3.12 9.36 -22.90
C GLU C 37 2.90 10.83 -23.35
N ALA C 38 3.28 11.16 -24.58
CA ALA C 38 3.07 12.53 -25.06
C ALA C 38 1.58 12.84 -25.21
N ILE C 39 0.80 11.86 -25.67
CA ILE C 39 -0.65 12.07 -25.84
C ILE C 39 -1.24 12.35 -24.43
N SER C 40 -0.80 11.59 -23.43
CA SER C 40 -1.28 11.80 -22.06
C SER C 40 -0.99 13.24 -21.63
N ASP C 41 0.24 13.68 -21.83
CA ASP C 41 0.59 15.04 -21.46
C ASP C 41 -0.30 16.01 -22.20
N ARG C 42 -0.47 15.80 -23.50
CA ARG C 42 -1.28 16.72 -24.31
C ARG C 42 -2.76 16.81 -23.96
N ILE C 43 -3.35 15.71 -23.51
CA ILE C 43 -4.75 15.77 -23.13
C ILE C 43 -4.89 16.74 -21.95
N CYS C 44 -3.97 16.64 -20.99
CA CYS C 44 -4.00 17.52 -19.84
C CYS C 44 -3.68 18.97 -20.25
N ILE C 45 -2.63 19.14 -21.04
CA ILE C 45 -2.24 20.47 -21.48
C ILE C 45 -3.36 21.13 -22.28
N HIS C 46 -3.97 20.39 -23.19
N HIS C 46 -3.97 20.38 -23.19
CA HIS C 46 -5.00 21.02 -23.99
CA HIS C 46 -5.04 20.89 -24.04
C HIS C 46 -6.36 21.24 -23.31
C HIS C 46 -6.32 21.30 -23.27
N THR C 47 -6.51 20.76 -22.07
CA THR C 47 -7.72 21.06 -21.32
C THR C 47 -7.33 21.92 -20.13
N ASN C 48 -6.14 22.54 -20.21
CA ASN C 48 -5.66 23.37 -19.11
C ASN C 48 -5.74 22.64 -17.78
N ALA C 49 -5.37 21.35 -17.83
CA ALA C 49 -5.33 20.47 -16.68
C ALA C 49 -6.65 20.05 -16.10
N HIS C 50 -7.76 20.34 -16.81
CA HIS C 50 -9.04 19.89 -16.28
C HIS C 50 -9.18 18.38 -16.42
N VAL C 51 -8.48 17.81 -17.39
CA VAL C 51 -8.55 16.38 -17.64
C VAL C 51 -7.12 15.83 -17.61
N SER C 52 -6.90 14.79 -16.83
CA SER C 52 -5.57 14.16 -16.81
C SER C 52 -5.81 12.66 -16.83
N VAL C 53 -5.24 11.99 -17.82
CA VAL C 53 -5.43 10.54 -17.92
C VAL C 53 -4.18 9.84 -18.39
N GLU C 54 -3.97 8.62 -17.91
CA GLU C 54 -2.82 7.87 -18.38
CA GLU C 54 -2.83 7.84 -18.35
C GLU C 54 -3.33 7.09 -19.56
N VAL C 55 -2.84 7.47 -20.73
CA VAL C 55 -3.25 6.79 -21.95
C VAL C 55 -2.57 5.43 -22.04
N SER C 56 -3.34 4.45 -22.49
CA SER C 56 -2.89 3.08 -22.61
C SER C 56 -1.91 2.69 -23.69
N ALA C 57 -0.71 2.33 -23.27
CA ALA C 57 0.30 1.85 -24.19
C ALA C 57 -0.20 0.48 -24.67
N GLU C 58 -0.87 -0.27 -23.80
CA GLU C 58 -1.38 -1.59 -24.17
C GLU C 58 -2.32 -1.49 -25.37
N ASP C 59 -3.26 -0.56 -25.30
CA ASP C 59 -4.25 -0.39 -26.35
C ASP C 59 -3.61 -0.12 -27.71
N LEU C 60 -2.66 0.82 -27.74
CA LEU C 60 -1.98 1.18 -28.98
C LEU C 60 -1.11 0.03 -29.50
N LEU C 61 -0.33 -0.54 -28.60
CA LEU C 61 0.56 -1.64 -28.93
C LEU C 61 -0.17 -2.84 -29.49
N THR C 62 -1.29 -3.20 -28.86
CA THR C 62 -1.99 -4.39 -29.29
C THR C 62 -3.03 -4.23 -30.39
N CYS C 63 -3.69 -3.07 -30.47
CA CYS C 63 -4.77 -2.90 -31.44
C CYS C 63 -4.50 -2.16 -32.72
N CYS C 64 -3.39 -1.43 -32.81
CA CYS C 64 -3.15 -0.71 -34.04
C CYS C 64 -2.95 -1.66 -35.20
N GLY C 65 -2.23 -2.75 -34.96
CA GLY C 65 -2.02 -3.75 -35.99
C GLY C 65 -0.85 -3.52 -36.91
N SER C 66 -0.88 -4.19 -38.07
CA SER C 66 0.22 -4.07 -39.02
C SER C 66 0.46 -2.63 -39.46
N MET C 67 -0.57 -1.81 -39.39
CA MET C 67 -0.45 -0.41 -39.76
C MET C 67 0.67 0.31 -38.99
N CYS C 68 0.80 -0.02 -37.70
CA CYS C 68 1.83 0.58 -36.85
C CYS C 68 3.13 -0.18 -36.86
N GLY C 69 3.17 -1.31 -37.55
CA GLY C 69 4.41 -2.06 -37.59
C GLY C 69 4.24 -3.47 -37.09
N ASP C 70 5.06 -3.88 -36.13
CA ASP C 70 4.95 -5.24 -35.66
C ASP C 70 4.95 -5.41 -34.15
N GLY C 71 4.09 -4.66 -33.46
CA GLY C 71 3.99 -4.79 -32.01
C GLY C 71 5.29 -4.74 -31.23
N CYS C 72 5.56 -5.79 -30.45
CA CYS C 72 6.78 -5.84 -29.65
C CYS C 72 8.04 -5.96 -30.46
N ASN C 73 7.90 -6.11 -31.77
CA ASN C 73 9.08 -6.22 -32.62
C ASN C 73 9.47 -4.85 -33.14
N GLY C 74 8.67 -3.83 -32.81
CA GLY C 74 8.99 -2.48 -33.26
C GLY C 74 7.83 -1.88 -34.03
N GLY C 75 7.83 -0.55 -34.17
CA GLY C 75 6.71 0.09 -34.84
C GLY C 75 6.99 1.51 -35.29
N TYR C 76 5.95 2.14 -35.82
CA TYR C 76 6.07 3.48 -36.37
C TYR C 76 5.34 4.58 -35.62
N PRO C 77 6.08 5.49 -35.01
CA PRO C 77 5.47 6.60 -34.28
C PRO C 77 4.39 7.30 -35.11
N ALA C 78 4.71 7.65 -36.36
CA ALA C 78 3.73 8.36 -37.18
C ALA C 78 2.40 7.63 -37.25
N GLU C 79 2.44 6.31 -37.40
CA GLU C 79 1.18 5.56 -37.51
C GLU C 79 0.49 5.43 -36.16
N ALA C 80 1.28 5.49 -35.08
CA ALA C 80 0.73 5.39 -33.73
C ALA C 80 -0.20 6.57 -33.49
N TRP C 81 0.26 7.76 -33.86
CA TRP C 81 -0.59 8.94 -33.67
C TRP C 81 -1.78 8.91 -34.65
N ASN C 82 -1.55 8.40 -35.85
CA ASN C 82 -2.66 8.27 -36.81
C ASN C 82 -3.71 7.36 -36.17
N PHE C 83 -3.27 6.31 -35.48
CA PHE C 83 -4.23 5.40 -34.85
C PHE C 83 -5.06 6.15 -33.83
N TRP C 84 -4.39 6.97 -33.04
CA TRP C 84 -5.05 7.79 -32.03
C TRP C 84 -6.13 8.70 -32.62
N THR C 85 -5.86 9.30 -33.78
CA THR C 85 -6.89 10.17 -34.37
C THR C 85 -8.03 9.36 -35.00
N ARG C 86 -7.73 8.17 -35.49
CA ARG C 86 -8.75 7.35 -36.16
C ARG C 86 -9.61 6.46 -35.27
N LYS C 87 -8.96 5.74 -34.35
CA LYS C 87 -9.64 4.81 -33.47
C LYS C 87 -9.59 5.18 -31.99
N GLY C 88 -8.74 6.15 -31.65
CA GLY C 88 -8.65 6.57 -30.26
C GLY C 88 -7.86 5.57 -29.42
N LEU C 89 -7.60 5.95 -28.17
CA LEU C 89 -6.86 5.09 -27.24
C LEU C 89 -7.49 5.23 -25.90
N VAL C 90 -7.74 4.11 -25.24
CA VAL C 90 -8.36 4.17 -23.92
C VAL C 90 -7.29 4.48 -22.87
N SER C 91 -7.70 4.63 -21.62
CA SER C 91 -6.73 4.90 -20.54
C SER C 91 -6.08 3.58 -20.09
N GLY C 92 -4.95 3.66 -19.40
CA GLY C 92 -4.30 2.44 -18.98
C GLY C 92 -2.95 2.76 -18.37
N GLY C 93 -2.78 2.39 -17.11
CA GLY C 93 -1.56 2.69 -16.41
C GLY C 93 -0.49 1.62 -16.44
N LEU C 94 0.35 1.65 -15.42
CA LEU C 94 1.46 0.73 -15.30
C LEU C 94 1.03 -0.74 -15.15
N TYR C 95 2.01 -1.61 -15.29
CA TYR C 95 1.78 -3.04 -15.13
C TYR C 95 1.19 -3.31 -13.72
N GLU C 96 0.05 -3.99 -13.68
CA GLU C 96 -0.65 -4.33 -12.44
C GLU C 96 -1.01 -3.14 -11.55
N SER C 97 -1.19 -1.98 -12.17
CA SER C 97 -1.57 -0.77 -11.45
C SER C 97 -3.08 -0.72 -11.16
N HIS C 98 -3.84 -1.50 -11.93
CA HIS C 98 -5.29 -1.47 -11.84
C HIS C 98 -5.70 -0.05 -12.15
N VAL C 99 -4.90 0.63 -12.95
CA VAL C 99 -5.24 1.99 -13.34
C VAL C 99 -5.72 2.05 -14.80
N GLY C 100 -6.89 2.64 -14.99
CA GLY C 100 -7.43 2.82 -16.33
C GLY C 100 -8.03 1.58 -16.95
N CYS C 101 -8.49 1.74 -18.18
CA CYS C 101 -9.13 0.68 -18.92
C CYS C 101 -8.22 -0.52 -19.26
N ARG C 102 -7.07 -0.24 -19.88
CA ARG C 102 -6.14 -1.27 -20.25
C ARG C 102 -4.71 -1.01 -19.79
N PRO C 103 -4.42 -1.32 -18.53
CA PRO C 103 -3.06 -1.12 -18.03
C PRO C 103 -2.10 -2.03 -18.80
N TYR C 104 -0.82 -1.70 -18.78
CA TYR C 104 0.18 -2.49 -19.50
C TYR C 104 0.24 -3.92 -18.94
N SER C 105 0.33 -4.90 -19.84
CA SER C 105 0.33 -6.31 -19.44
C SER C 105 1.69 -6.98 -19.41
N ILE C 106 2.75 -6.23 -19.75
CA ILE C 106 4.10 -6.80 -19.77
C ILE C 106 4.83 -6.28 -18.53
N PRO C 107 5.37 -7.20 -17.72
CA PRO C 107 6.10 -6.90 -16.47
C PRO C 107 7.29 -5.96 -16.60
N PRO C 108 7.51 -5.10 -15.58
CA PRO C 108 8.66 -4.17 -15.62
C PRO C 108 9.91 -5.02 -15.44
N CYS C 109 11.07 -4.52 -15.86
CA CYS C 109 12.28 -5.33 -15.72
C CYS C 109 13.48 -4.39 -15.69
N GLU C 110 14.68 -4.93 -15.45
CA GLU C 110 15.88 -4.10 -15.39
C GLU C 110 16.50 -3.94 -16.77
N HIS C 111 16.56 -2.70 -17.24
CA HIS C 111 17.11 -2.36 -18.55
C HIS C 111 18.56 -1.90 -18.43
N HIS C 112 19.51 -2.80 -18.67
CA HIS C 112 20.93 -2.42 -18.61
C HIS C 112 21.43 -1.87 -17.29
N VAL C 113 20.76 -2.23 -16.21
CA VAL C 113 21.15 -1.80 -14.86
C VAL C 113 20.83 -2.97 -13.96
N ASN C 114 21.44 -2.99 -12.77
CA ASN C 114 21.18 -4.04 -11.82
C ASN C 114 20.08 -3.51 -10.92
N GLY C 115 19.19 -4.38 -10.49
CA GLY C 115 18.10 -3.94 -9.63
C GLY C 115 17.31 -5.10 -9.09
N SER C 116 16.22 -4.79 -8.38
CA SER C 116 15.36 -5.80 -7.77
C SER C 116 14.48 -6.56 -8.77
N ARG C 117 14.20 -5.94 -9.91
CA ARG C 117 13.37 -6.59 -10.90
C ARG C 117 14.21 -7.54 -11.76
N PRO C 118 13.56 -8.48 -12.46
CA PRO C 118 14.26 -9.44 -13.31
C PRO C 118 14.91 -8.68 -14.46
N PRO C 119 16.05 -9.18 -14.98
CA PRO C 119 16.62 -8.40 -16.10
C PRO C 119 15.68 -8.53 -17.30
N CYS C 120 15.62 -7.50 -18.13
CA CYS C 120 14.78 -7.59 -19.30
C CYS C 120 15.39 -8.62 -20.22
N THR C 121 14.54 -9.21 -21.04
CA THR C 121 14.95 -10.23 -22.00
C THR C 121 14.60 -9.78 -23.41
N GLY C 122 14.79 -10.68 -24.36
CA GLY C 122 14.47 -10.35 -25.75
C GLY C 122 12.98 -10.25 -25.98
N GLU C 123 12.59 -9.18 -26.69
CA GLU C 123 11.19 -8.87 -27.01
C GLU C 123 10.24 -10.09 -27.06
N GLY C 124 9.31 -10.11 -26.12
CA GLY C 124 8.34 -11.20 -26.04
C GLY C 124 7.33 -11.12 -27.16
N ASP C 125 6.17 -11.73 -26.96
CA ASP C 125 5.14 -11.70 -27.98
C ASP C 125 4.26 -10.51 -27.75
N THR C 126 3.67 -10.00 -28.81
CA THR C 126 2.78 -8.86 -28.69
C THR C 126 1.47 -9.39 -28.13
N PRO C 127 0.93 -8.73 -27.10
CA PRO C 127 -0.34 -9.20 -26.55
C PRO C 127 -1.47 -9.02 -27.55
N LYS C 128 -2.57 -9.72 -27.33
CA LYS C 128 -3.71 -9.63 -28.23
C LYS C 128 -4.45 -8.30 -28.05
N CYS C 129 -5.17 -7.90 -29.09
CA CYS C 129 -5.97 -6.68 -29.03
C CYS C 129 -7.30 -7.08 -28.36
N SER C 130 -7.44 -6.73 -27.09
CA SER C 130 -8.65 -7.06 -26.34
C SER C 130 -9.42 -5.76 -26.20
N LYS C 131 -10.52 -5.64 -26.94
CA LYS C 131 -11.31 -4.42 -26.90
C LYS C 131 -12.32 -4.41 -25.76
N ILE C 132 -11.78 -4.52 -24.55
CA ILE C 132 -12.61 -4.47 -23.36
C ILE C 132 -11.68 -3.98 -22.23
N CYS C 133 -12.20 -3.31 -21.23
CA CYS C 133 -11.32 -2.85 -20.14
C CYS C 133 -11.03 -4.01 -19.19
N GLU C 134 -9.98 -3.86 -18.40
CA GLU C 134 -9.58 -4.86 -17.42
C GLU C 134 -10.70 -4.96 -16.38
N PRO C 135 -10.86 -6.13 -15.76
CA PRO C 135 -11.91 -6.24 -14.76
C PRO C 135 -11.66 -5.21 -13.68
N GLY C 136 -12.73 -4.60 -13.18
CA GLY C 136 -12.57 -3.60 -12.14
C GLY C 136 -12.66 -2.15 -12.58
N TYR C 137 -12.56 -1.93 -13.88
CA TYR C 137 -12.61 -0.58 -14.41
C TYR C 137 -13.93 -0.19 -15.08
N SER C 138 -14.41 1.02 -14.80
CA SER C 138 -15.59 1.56 -15.46
C SER C 138 -15.12 2.92 -15.93
N PRO C 139 -15.68 3.48 -17.04
CA PRO C 139 -16.74 2.90 -17.87
C PRO C 139 -16.22 1.87 -18.85
N THR C 140 -16.96 1.67 -19.94
CA THR C 140 -16.59 0.68 -20.96
C THR C 140 -15.50 1.17 -21.90
N TYR C 141 -14.90 0.20 -22.58
CA TYR C 141 -13.82 0.44 -23.52
C TYR C 141 -14.17 1.54 -24.54
N LYS C 142 -15.33 1.44 -25.20
CA LYS C 142 -15.73 2.44 -26.20
C LYS C 142 -15.83 3.84 -25.60
N GLN C 143 -16.43 3.92 -24.41
CA GLN C 143 -16.59 5.19 -23.73
C GLN C 143 -15.27 5.78 -23.28
N ASP C 144 -14.31 4.92 -22.98
CA ASP C 144 -13.01 5.36 -22.47
C ASP C 144 -12.03 5.82 -23.54
N LYS C 145 -12.39 5.67 -24.81
CA LYS C 145 -11.52 6.07 -25.92
C LYS C 145 -11.25 7.57 -25.96
N HIS C 146 -9.97 7.94 -26.09
CA HIS C 146 -9.58 9.35 -26.23
C HIS C 146 -9.06 9.51 -27.64
N TYR C 147 -9.66 10.43 -28.37
CA TYR C 147 -9.28 10.63 -29.75
C TYR C 147 -8.39 11.80 -30.02
N GLY C 148 -7.56 11.66 -31.05
CA GLY C 148 -6.73 12.77 -31.45
C GLY C 148 -7.54 13.53 -32.49
N TYR C 149 -7.41 14.85 -32.52
CA TYR C 149 -8.09 15.67 -33.51
C TYR C 149 -7.30 15.57 -34.81
N ASN C 150 -5.97 15.55 -34.68
CA ASN C 150 -5.12 15.44 -35.86
C ASN C 150 -3.75 14.97 -35.39
N SER C 151 -2.87 14.65 -36.33
CA SER C 151 -1.52 14.27 -35.95
C SER C 151 -0.67 14.73 -37.12
N TYR C 152 0.62 14.87 -36.89
CA TYR C 152 1.49 15.36 -37.95
C TYR C 152 2.94 15.15 -37.59
N SER C 153 3.79 15.17 -38.61
CA SER C 153 5.22 15.06 -38.38
C SER C 153 5.65 16.50 -38.21
N VAL C 154 6.64 16.72 -37.34
CA VAL C 154 7.17 18.04 -37.12
C VAL C 154 8.43 18.08 -37.98
N SER C 155 8.74 19.22 -38.57
CA SER C 155 9.94 19.32 -39.41
C SER C 155 11.21 19.05 -38.61
N ASN C 156 12.23 18.54 -39.30
CA ASN C 156 13.52 18.26 -38.69
C ASN C 156 14.16 19.63 -38.52
N SER C 157 13.73 20.33 -37.48
CA SER C 157 14.20 21.68 -37.23
C SER C 157 14.18 21.93 -35.74
N GLU C 158 15.33 22.26 -35.19
CA GLU C 158 15.44 22.50 -33.77
C GLU C 158 14.40 23.54 -33.31
N LYS C 159 14.33 24.65 -34.03
CA LYS C 159 13.38 25.70 -33.67
C LYS C 159 11.93 25.27 -33.81
N ASP C 160 11.62 24.52 -34.87
CA ASP C 160 10.24 24.06 -35.06
C ASP C 160 9.83 23.13 -33.94
N ILE C 161 10.76 22.27 -33.52
CA ILE C 161 10.43 21.33 -32.46
C ILE C 161 10.31 22.07 -31.12
N MET C 162 11.20 23.02 -30.85
CA MET C 162 11.10 23.76 -29.59
C MET C 162 9.74 24.48 -29.56
N ALA C 163 9.37 25.09 -30.69
CA ALA C 163 8.11 25.82 -30.80
C ALA C 163 6.91 24.93 -30.58
N GLU C 164 6.95 23.72 -31.14
CA GLU C 164 5.82 22.78 -31.02
C GLU C 164 5.63 22.28 -29.59
N ILE C 165 6.74 22.01 -28.91
CA ILE C 165 6.72 21.56 -27.51
C ILE C 165 6.18 22.67 -26.62
N TYR C 166 6.71 23.87 -26.83
CA TYR C 166 6.27 25.03 -26.06
C TYR C 166 4.78 25.30 -26.26
N LYS C 167 4.36 25.31 -27.52
CA LYS C 167 2.99 25.62 -27.85
C LYS C 167 1.95 24.55 -27.55
N ASN C 168 2.31 23.30 -27.85
CA ASN C 168 1.38 22.20 -27.68
C ASN C 168 1.77 21.08 -26.74
N GLY C 169 2.97 21.15 -26.15
CA GLY C 169 3.38 20.11 -25.23
C GLY C 169 4.36 19.08 -25.74
N PRO C 170 4.77 18.14 -24.88
CA PRO C 170 5.72 17.10 -25.25
C PRO C 170 5.33 16.38 -26.54
N VAL C 171 6.34 15.90 -27.27
CA VAL C 171 6.12 15.22 -28.52
C VAL C 171 6.79 13.85 -28.44
N GLU C 172 6.52 13.01 -29.41
CA GLU C 172 7.22 11.73 -29.46
C GLU C 172 8.33 11.98 -30.48
N GLY C 173 9.46 11.31 -30.29
CA GLY C 173 10.55 11.45 -31.22
C GLY C 173 11.21 10.08 -31.22
N ALA C 174 12.31 9.94 -31.94
CA ALA C 174 13.03 8.67 -31.93
C ALA C 174 14.49 8.95 -32.28
N PHE C 175 15.38 8.07 -31.84
CA PHE C 175 16.80 8.25 -32.15
C PHE C 175 17.47 6.90 -32.21
N SER C 176 18.66 6.85 -32.80
CA SER C 176 19.40 5.60 -32.92
C SER C 176 20.14 5.34 -31.63
N VAL C 177 19.88 4.18 -31.03
CA VAL C 177 20.55 3.80 -29.80
C VAL C 177 21.79 2.97 -30.12
N TYR C 178 22.94 3.47 -29.65
CA TYR C 178 24.21 2.77 -29.81
C TYR C 178 24.57 2.35 -28.37
N SER C 179 25.39 1.32 -28.24
CA SER C 179 25.70 0.81 -26.92
C SER C 179 26.31 1.78 -25.92
N ASP C 180 26.94 2.87 -26.38
CA ASP C 180 27.52 3.79 -25.43
C ASP C 180 26.45 4.60 -24.72
N PHE C 181 25.20 4.42 -25.14
CA PHE C 181 24.06 5.11 -24.52
C PHE C 181 23.54 4.36 -23.28
N LEU C 182 23.74 3.05 -23.29
CA LEU C 182 23.17 2.21 -22.22
C LEU C 182 23.45 2.56 -20.77
N LEU C 183 24.69 2.94 -20.44
CA LEU C 183 25.02 3.26 -19.04
C LEU C 183 24.86 4.73 -18.70
N TYR C 184 24.07 5.45 -19.49
CA TYR C 184 23.84 6.87 -19.24
C TYR C 184 23.40 7.04 -17.80
N LYS C 185 23.92 8.08 -17.14
CA LYS C 185 23.52 8.37 -15.76
C LYS C 185 23.12 9.83 -15.66
N SER C 186 23.91 10.71 -16.27
CA SER C 186 23.64 12.14 -16.19
C SER C 186 24.43 12.92 -17.25
N GLY C 187 24.23 14.23 -17.27
CA GLY C 187 24.90 15.06 -18.26
C GLY C 187 24.21 14.93 -19.61
N VAL C 188 24.89 15.40 -20.66
CA VAL C 188 24.34 15.37 -22.02
C VAL C 188 24.98 14.27 -22.86
N TYR C 189 24.16 13.30 -23.24
CA TYR C 189 24.66 12.20 -24.04
C TYR C 189 25.04 12.62 -25.46
N GLN C 190 26.16 12.08 -25.94
CA GLN C 190 26.63 12.30 -27.31
C GLN C 190 27.24 10.97 -27.70
N HIS C 191 26.78 10.43 -28.82
CA HIS C 191 27.29 9.17 -29.30
C HIS C 191 28.71 9.30 -29.82
N VAL C 192 29.64 8.54 -29.24
CA VAL C 192 31.04 8.62 -29.67
C VAL C 192 31.64 7.24 -29.96
N THR C 193 30.97 6.18 -29.53
CA THR C 193 31.47 4.81 -29.74
C THR C 193 30.32 3.82 -29.54
N GLY C 194 30.59 2.55 -29.72
CA GLY C 194 29.55 1.57 -29.49
C GLY C 194 28.89 1.05 -30.74
N GLU C 195 28.06 0.02 -30.57
CA GLU C 195 27.40 -0.61 -31.69
C GLU C 195 25.94 -0.20 -31.80
N MET C 196 25.47 -0.08 -33.03
CA MET C 196 24.09 0.30 -33.32
C MET C 196 23.17 -0.80 -32.80
N MET C 197 22.16 -0.42 -32.03
CA MET C 197 21.21 -1.36 -31.46
C MET C 197 19.83 -1.23 -32.03
N GLY C 198 19.58 -0.12 -32.72
CA GLY C 198 18.28 0.09 -33.33
C GLY C 198 17.67 1.44 -33.00
N GLY C 199 16.64 1.81 -33.76
CA GLY C 199 15.96 3.08 -33.53
C GLY C 199 15.10 2.92 -32.29
N HIS C 200 15.03 3.97 -31.49
CA HIS C 200 14.28 3.91 -30.23
C HIS C 200 13.40 5.15 -30.07
N ALA C 201 12.10 4.94 -29.92
CA ALA C 201 11.16 6.05 -29.76
C ALA C 201 11.05 6.48 -28.28
N ILE C 202 10.94 7.78 -28.05
CA ILE C 202 10.91 8.35 -26.70
C ILE C 202 10.02 9.59 -26.66
N ARG C 203 9.98 10.27 -25.51
CA ARG C 203 9.16 11.46 -25.36
C ARG C 203 10.07 12.65 -25.07
N ILE C 204 9.98 13.68 -25.90
CA ILE C 204 10.77 14.88 -25.73
C ILE C 204 9.90 15.88 -25.00
N LEU C 205 10.36 16.34 -23.85
CA LEU C 205 9.53 17.24 -23.06
C LEU C 205 10.18 18.56 -22.65
N GLY C 206 11.29 18.90 -23.28
CA GLY C 206 11.95 20.14 -22.96
C GLY C 206 13.35 20.27 -23.50
N TRP C 207 14.03 21.32 -23.07
CA TRP C 207 15.38 21.57 -23.53
C TRP C 207 16.10 22.48 -22.54
N GLY C 208 17.41 22.59 -22.72
CA GLY C 208 18.19 23.45 -21.85
C GLY C 208 19.62 23.41 -22.30
N VAL C 209 20.50 23.89 -21.44
CA VAL C 209 21.92 23.90 -21.74
C VAL C 209 22.61 23.47 -20.47
N GLU C 210 23.57 22.56 -20.59
CA GLU C 210 24.30 22.10 -19.42
C GLU C 210 25.77 22.17 -19.76
N ASN C 211 26.52 22.95 -18.98
CA ASN C 211 27.94 23.10 -19.23
C ASN C 211 28.19 23.56 -20.65
N GLY C 212 27.38 24.50 -21.12
CA GLY C 212 27.53 25.02 -22.47
C GLY C 212 27.03 24.11 -23.58
N THR C 213 26.56 22.91 -23.24
CA THR C 213 26.08 21.98 -24.27
C THR C 213 24.55 22.02 -24.34
N PRO C 214 23.98 22.38 -25.50
CA PRO C 214 22.51 22.41 -25.58
C PRO C 214 21.99 20.99 -25.64
N TYR C 215 20.84 20.75 -25.01
CA TYR C 215 20.29 19.40 -24.98
C TYR C 215 18.76 19.39 -25.00
N TRP C 216 18.22 18.20 -25.21
CA TRP C 216 16.79 17.98 -25.18
C TRP C 216 16.58 17.16 -23.91
N LEU C 217 15.52 17.46 -23.17
CA LEU C 217 15.16 16.73 -21.97
C LEU C 217 14.24 15.63 -22.54
N VAL C 218 14.61 14.38 -22.32
CA VAL C 218 13.87 13.24 -22.86
C VAL C 218 13.53 12.21 -21.80
N ALA C 219 12.35 11.63 -21.93
CA ALA C 219 11.90 10.58 -21.03
C ALA C 219 12.07 9.24 -21.78
N ASN C 220 12.78 8.32 -21.17
CA ASN C 220 12.96 6.99 -21.73
C ASN C 220 11.84 6.16 -21.11
N SER C 221 11.63 4.95 -21.62
CA SER C 221 10.60 4.04 -21.11
C SER C 221 11.24 2.77 -20.53
N TRP C 222 12.33 2.97 -19.78
CA TRP C 222 13.05 1.88 -19.15
C TRP C 222 13.01 1.96 -17.63
N ASN C 223 11.89 2.38 -17.10
CA ASN C 223 11.72 2.52 -15.67
C ASN C 223 12.57 3.64 -15.06
N THR C 224 12.40 3.86 -13.76
CA THR C 224 13.08 4.96 -13.11
C THR C 224 14.48 4.68 -12.59
N ASP C 225 14.94 3.43 -12.61
CA ASP C 225 16.28 3.17 -12.11
C ASP C 225 17.30 3.17 -13.24
N TRP C 226 16.85 3.54 -14.45
CA TRP C 226 17.75 3.64 -15.59
C TRP C 226 17.99 5.12 -15.81
N GLY C 227 19.21 5.48 -16.20
CA GLY C 227 19.51 6.88 -16.48
C GLY C 227 19.35 7.82 -15.31
N ASP C 228 18.80 9.00 -15.58
CA ASP C 228 18.59 10.02 -14.56
C ASP C 228 17.11 9.92 -14.14
N ASN C 229 16.81 8.98 -13.25
CA ASN C 229 15.44 8.77 -12.81
C ASN C 229 14.52 8.44 -13.99
N GLY C 230 15.05 7.76 -15.01
CA GLY C 230 14.24 7.38 -16.16
C GLY C 230 14.35 8.34 -17.33
N PHE C 231 14.91 9.52 -17.06
CA PHE C 231 15.08 10.56 -18.06
C PHE C 231 16.54 10.64 -18.54
N PHE C 232 16.75 11.37 -19.64
CA PHE C 232 18.10 11.64 -20.11
C PHE C 232 18.11 12.92 -20.91
N LYS C 233 19.31 13.43 -21.13
CA LYS C 233 19.55 14.63 -21.91
C LYS C 233 20.40 14.17 -23.09
N ILE C 234 20.09 14.67 -24.27
CA ILE C 234 20.85 14.31 -25.46
C ILE C 234 21.12 15.58 -26.25
N LEU C 235 22.28 15.65 -26.88
CA LEU C 235 22.67 16.82 -27.65
C LEU C 235 21.56 17.36 -28.55
N ARG C 236 21.39 18.69 -28.50
CA ARG C 236 20.36 19.37 -29.27
C ARG C 236 20.97 20.31 -30.30
N GLY C 237 20.31 20.43 -31.45
CA GLY C 237 20.74 21.34 -32.48
C GLY C 237 21.43 20.76 -33.69
N GLN C 238 21.79 19.49 -33.65
CA GLN C 238 22.47 18.86 -34.78
C GLN C 238 21.83 17.54 -35.17
N ASP C 239 20.53 17.39 -34.89
CA ASP C 239 19.78 16.16 -35.14
C ASP C 239 20.64 14.98 -34.73
N HIS C 240 21.23 15.09 -33.54
CA HIS C 240 22.11 14.04 -33.07
C HIS C 240 21.40 12.70 -32.90
N CYS C 241 21.96 11.67 -33.53
CA CYS C 241 21.36 10.33 -33.51
C CYS C 241 19.95 10.33 -34.10
N GLY C 242 19.61 11.40 -34.82
CA GLY C 242 18.28 11.51 -35.43
C GLY C 242 17.19 11.98 -34.48
N ILE C 243 17.58 12.49 -33.33
CA ILE C 243 16.62 12.94 -32.31
C ILE C 243 15.62 14.01 -32.78
N GLU C 244 15.97 14.78 -33.81
CA GLU C 244 15.10 15.82 -34.36
C GLU C 244 14.46 15.36 -35.67
N SER C 245 14.67 14.10 -36.02
CA SER C 245 14.20 13.61 -37.32
C SER C 245 12.91 12.82 -37.41
N GLU C 246 12.40 12.37 -36.27
CA GLU C 246 11.18 11.57 -36.30
C GLU C 246 10.18 12.09 -35.31
N VAL C 247 10.13 13.40 -35.15
CA VAL C 247 9.22 13.97 -34.19
C VAL C 247 7.82 13.99 -34.76
N VAL C 248 6.90 13.49 -33.95
CA VAL C 248 5.49 13.42 -34.33
C VAL C 248 4.64 13.86 -33.16
N ALA C 249 3.53 14.52 -33.45
CA ALA C 249 2.62 14.94 -32.38
C ALA C 249 1.24 15.14 -32.99
N GLY C 250 0.35 15.77 -32.22
CA GLY C 250 -1.00 15.97 -32.69
C GLY C 250 -1.78 16.63 -31.57
N ILE C 251 -2.96 17.13 -31.89
CA ILE C 251 -3.79 17.87 -30.94
C ILE C 251 -4.95 16.99 -30.52
N PRO C 252 -5.21 16.89 -29.21
CA PRO C 252 -6.32 16.05 -28.75
C PRO C 252 -7.65 16.62 -29.17
N ARG C 253 -8.64 15.76 -29.39
CA ARG C 253 -9.96 16.21 -29.77
C ARG C 253 -10.68 16.58 -28.46
C1 AEM D . -7.52 -12.92 4.32
N1 AEM D . -7.78 -13.76 3.42
C2 AEM D . -8.39 -11.69 4.53
N2 AEM D . -7.79 -10.65 5.39
C APD E . -7.94 -10.59 6.72
O APD E . -8.55 -11.42 7.39
CA APD E . -7.27 -9.42 7.40
N APD E . -8.11 -8.94 8.48
CB APD E . -5.89 -9.80 7.93
CG APD E . -5.17 -8.61 8.53
CD1 APD E . -4.40 -7.77 7.72
CD2 APD E . -5.32 -8.29 9.86
CE1 APD E . -3.78 -6.63 8.24
CE2 APD E . -4.73 -7.15 10.42
CZ APD E . -3.96 -6.32 9.60
C5 APD E . -4.92 -6.83 11.86
C8 DFA F . -8.72 -7.78 8.35
O11 DFA F . -8.68 -7.14 7.29
C5 DFA F . -13.04 -8.24 10.61
C4 DFA F . -11.68 -7.91 10.66
C3 DFA F . -10.96 -7.62 9.50
C2 DFA F . -11.64 -7.67 8.29
C1 DFA F . -13.00 -8.00 8.23
C6 DFA F . -13.69 -8.28 9.39
C10 DFA F . -9.20 -5.74 9.46
C16 DFA F . -9.95 -4.94 8.59
C15 DFA F . -9.60 -3.60 8.36
C14 DFA F . -8.48 -3.05 9.01
C13 DFA F . -7.74 -3.85 9.89
C12 DFA F . -8.09 -5.18 10.11
C11 DFA F . -9.47 -7.25 9.56
C1 AEM G . -9.34 6.49 7.92
N1 AEM G . -9.94 7.53 7.58
C2 AEM G . -9.18 5.32 6.97
N2 AEM G . -8.62 4.16 7.63
C APD H . -7.32 3.91 7.73
O APD H . -6.46 4.69 7.37
CA APD H . -6.92 2.56 8.32
N APD H . -5.75 2.03 7.65
CB APD H . -6.63 2.70 9.81
CG APD H . -6.37 1.35 10.42
CD1 APD H . -7.43 0.58 10.86
CD2 APD H . -5.08 0.82 10.47
CE1 APD H . -7.23 -0.72 11.33
CE2 APD H . -4.86 -0.49 10.93
CZ APD H . -5.95 -1.24 11.36
C5 APD H . -3.46 -1.08 10.97
C8 DFA I . -5.86 0.92 6.95
O11 DFA I . -6.94 0.38 6.71
C5 DFA I . -2.53 1.73 3.54
C4 DFA I . -2.88 1.17 4.78
C3 DFA I . -4.20 0.91 5.12
C2 DFA I . -5.19 1.23 4.18
C1 DFA I . -4.86 1.78 2.94
C6 DFA I . -3.53 2.04 2.62
C10 DFA I . -4.77 -1.20 6.31
C16 DFA I . -5.40 -1.92 7.34
C15 DFA I . -5.62 -3.29 7.22
C14 DFA I . -5.20 -3.97 6.09
C13 DFA I . -4.55 -3.27 5.05
C12 DFA I . -4.35 -1.89 5.17
C11 DFA I . -4.56 0.30 6.44
C1 AEM J . 11.42 0.20 -29.25
N1 AEM J . 11.48 -0.39 -28.17
C2 AEM J . 11.74 -0.50 -30.57
N2 AEM J . 11.95 0.45 -31.66
C APD K . 11.00 0.84 -32.53
O APD K . 9.83 0.51 -32.42
CA APD K . 11.45 1.73 -33.69
N APD K . 10.78 1.28 -34.90
CB APD K . 11.08 3.18 -33.41
CG APD K . 11.60 4.10 -34.49
CD1 APD K . 10.82 4.40 -35.60
CD2 APD K . 12.89 4.63 -34.43
CE1 APD K . 11.29 5.20 -36.63
CE2 APD K . 13.40 5.43 -35.45
CZ APD K . 12.59 5.71 -36.55
C5 APD K . 14.80 6.00 -35.36
C8 DFA L . 11.43 0.75 -35.93
O11 DFA L . 12.64 0.55 -35.94
C5 DFA L . 8.34 -2.66 -37.53
C4 DFA L . 8.79 -1.35 -37.54
C3 DFA L . 10.08 -1.03 -37.14
C2 DFA L . 10.91 -2.07 -36.70
C1 DFA L . 10.47 -3.38 -36.67
C6 DFA L . 9.17 -3.67 -37.09
C10 DFA L . 11.28 0.79 -38.43
C16 DFA L . 11.13 2.06 -38.98
C15 DFA L . 11.75 2.41 -40.17
C14 DFA L . 12.54 1.48 -40.83
C13 DFA L . 12.71 0.20 -40.29
C12 DFA L . 12.08 -0.14 -39.10
C11 DFA L . 10.57 0.41 -37.14
#